data_8JW4
#
_entry.id   8JW4
#
_entity_poly.entity_id   1
_entity_poly.type   'polypeptide(L)'
_entity_poly.pdbx_seq_one_letter_code
;GGGGSMGKEQKEKKDGNLSIKEEVEKELNKKSTAELFRKIKNEKISFFLPFKCLPAQHRKLLFISFVCAVLSGGTLPFFI
SVFGVILKNMNLGDDINPIILSLVSIGLVQFILSMISSYCMDVITSKILKTLKLEYLRSVFYQDGQFHDNNPGSKLRSDL
DFYLEQVSSGIGTKFITIFTYASSFLGLYIWSLIKNARLTLCITCVFPLIYVCGVICNKKVKLNKKTSLLYNNNTMSIIE
EALMGIRTVASYCGEKTILNKFNLSETFYSKYILKANFVEALHIGLINGLILVSYAFGFWYGTRIIINSATNQYPNNDFN
GASVISILLGVLISMFMLTIILPNITEYMKALEATNSLYEIINRKPLVENNDDGETLPNIKKIEFKNVRFHYDTRKDVEI
YKDLSFTLKEGKTYAFVGESGCGKSTILKLIERLYDPTEGDIIVNDSHNLKDINLKWWRSKIGVVSQDPLLFSNSIKNNI
KYSLYSLKDLEAMENYYEENTNDTYENKNFSLISNSMTSNELLEMKKEYQTIKDSDVVDVSKKVLIHDFVSSLPDKYDTL
VGSNASKLSGGQKQRISIARAIMRNPKILILDEATSSLDNKSEYLVQKTINNLKGNENRITIIIAHRLSTIRYANTIFVL
SNRERSDNNNNNNNDDNNNNNNNNNNKINNEGSYIIEQGTHDSLMKNKNGIYHLMINNQKISSNKSSNNGNDNGSDNKSS
AYKDSDTGNDADNMNSLSIHENENISNNRNCKNTAENEKEEKVPFFKRMFRRKKKAPNNLRIIYKEIFSYKKDVTIIFFS
ILVAGGLYPVFALLYARYVSTLFDFANLEYNSNKYSIYILLIAIAMFISETLKNYYNNKIGEKVEKTMKRRLFENILYQE
MSFFDQDKNTPGVLSAHINRDVHLLKTGLVNNIVIFSHFIMLFLVSMVMSFYFCPIVAAVLTFIYFINMRVFAVRARLTK
SKEIEKKENMSSGVFAFSSDDEMFKDPSFLIQEAFYNMHTVINYGLEDYFCNLIEKAIDYKNKGQKRRIIVNAALWGFSQ
SAQLFINSFAYWFGSFLIKRGTILVDDFMKSLFTFIFTGSYAGKLMSLKGDSENAKLSFEKYYPLMIRKSNIDVRDDGGI
RINKNLIKGKVDIKDVNFRYISRPNVPIYKNLSFTCDSKKTTAIVGETGSGKSTFMNLLLRFYDLKNDHIILKNDMTNFQ
DYQNNNNNSLVLKNVNEFSNQSGSAEDYTVFNNNGEILLDDINICDYNLRDLRNLFSIVSQEPMLFNMSIYENIKFGRED
ATLEDVKRVSKFAAIDEFIESLPNKYDTNVGPYGKSLSGGQKQRIAIARALLREPKILLLDEATSSLDSNSEKLIEKTIV
DIKDKADKTIITIAHRIASIKRSDKIVVFNNPDRNGTFVQSHGTHDELLSAQDGIYKKYVKLAK
;
_entity_poly.pdbx_strand_id   A
#
# COMPACT_ATOMS: atom_id res chain seq x y z
N SER A 32 -6.28 -23.02 0.61
CA SER A 32 -5.51 -24.16 0.10
C SER A 32 -5.86 -24.40 -1.36
N THR A 33 -5.37 -25.52 -1.90
CA THR A 33 -5.58 -25.86 -3.31
C THR A 33 -6.95 -26.47 -3.56
N ALA A 34 -7.54 -27.13 -2.56
CA ALA A 34 -8.82 -27.81 -2.76
C ALA A 34 -9.96 -26.83 -2.99
N GLU A 35 -9.82 -25.57 -2.57
CA GLU A 35 -10.83 -24.55 -2.83
C GLU A 35 -10.62 -23.87 -4.17
N LEU A 36 -9.38 -23.54 -4.50
CA LEU A 36 -9.08 -22.93 -5.79
C LEU A 36 -9.40 -23.89 -6.94
N PHE A 37 -9.16 -25.18 -6.74
CA PHE A 37 -9.53 -26.18 -7.74
C PHE A 37 -11.03 -26.21 -8.00
N ARG A 38 -11.84 -26.19 -6.94
CA ARG A 38 -13.29 -26.11 -7.11
C ARG A 38 -13.70 -24.81 -7.79
N LYS A 39 -13.04 -23.70 -7.44
CA LYS A 39 -13.38 -22.42 -8.06
C LYS A 39 -13.07 -22.44 -9.56
N ILE A 40 -11.98 -23.10 -9.94
CA ILE A 40 -11.57 -23.12 -11.35
C ILE A 40 -12.33 -24.17 -12.16
N LYS A 41 -12.84 -25.22 -11.52
CA LYS A 41 -13.46 -26.31 -12.27
C LYS A 41 -14.71 -25.85 -13.01
N ASN A 42 -15.52 -25.00 -12.38
CA ASN A 42 -16.87 -24.72 -12.89
C ASN A 42 -16.97 -23.49 -13.77
N GLU A 43 -15.85 -22.98 -14.31
CA GLU A 43 -15.90 -22.07 -15.46
C GLU A 43 -14.82 -22.34 -16.49
N LYS A 44 -13.95 -23.33 -16.27
CA LYS A 44 -12.88 -23.69 -17.20
C LYS A 44 -11.94 -22.50 -17.43
N ILE A 45 -11.27 -22.13 -16.35
CA ILE A 45 -10.03 -21.36 -16.48
C ILE A 45 -8.92 -22.36 -16.83
N SER A 46 -8.46 -22.32 -18.08
CA SER A 46 -7.63 -23.37 -18.64
C SER A 46 -6.34 -23.55 -17.85
N PHE A 47 -5.90 -24.80 -17.75
CA PHE A 47 -4.55 -25.12 -17.30
C PHE A 47 -3.49 -24.73 -18.31
N PHE A 48 -3.88 -24.41 -19.55
CA PHE A 48 -3.00 -24.27 -20.69
C PHE A 48 -3.22 -22.92 -21.34
N LEU A 49 -3.49 -21.90 -20.51
CA LEU A 49 -3.83 -20.57 -21.01
C LEU A 49 -2.60 -19.77 -21.43
N PRO A 50 -1.53 -19.67 -20.62
CA PRO A 50 -0.36 -18.92 -21.09
C PRO A 50 0.31 -19.56 -22.29
N PHE A 51 0.13 -20.85 -22.50
CA PHE A 51 0.75 -21.57 -23.61
C PHE A 51 -0.20 -21.68 -24.80
N LYS A 52 -0.73 -20.54 -25.23
CA LYS A 52 -1.48 -20.45 -26.47
C LYS A 52 -1.13 -19.19 -27.27
N CYS A 53 -0.08 -18.47 -26.86
CA CYS A 53 0.51 -17.39 -27.64
C CYS A 53 1.97 -17.76 -27.89
N LEU A 54 2.20 -18.61 -28.89
CA LEU A 54 3.52 -19.15 -29.14
C LEU A 54 3.63 -19.65 -30.58
N PRO A 55 4.78 -19.45 -31.25
CA PRO A 55 4.98 -20.13 -32.54
C PRO A 55 5.25 -21.62 -32.38
N ALA A 56 5.57 -22.30 -33.47
CA ALA A 56 5.92 -23.71 -33.42
C ALA A 56 7.37 -23.95 -33.01
N GLN A 57 8.25 -22.96 -33.17
CA GLN A 57 9.61 -23.05 -32.64
C GLN A 57 9.68 -22.85 -31.13
N HIS A 58 8.54 -22.61 -30.48
CA HIS A 58 8.46 -22.54 -29.03
C HIS A 58 7.47 -23.54 -28.44
N ARG A 59 6.88 -24.40 -29.25
CA ARG A 59 5.87 -25.35 -28.81
C ARG A 59 6.42 -26.76 -28.59
N LYS A 60 7.69 -27.01 -28.97
CA LYS A 60 8.30 -28.32 -28.82
C LYS A 60 9.61 -28.27 -28.05
N LEU A 61 10.10 -27.08 -27.72
CA LEU A 61 11.09 -26.97 -26.66
C LEU A 61 10.47 -27.27 -25.30
N LEU A 62 9.17 -27.02 -25.15
CA LEU A 62 8.45 -27.42 -23.96
C LEU A 62 8.45 -28.94 -23.81
N PHE A 63 8.20 -29.66 -24.90
CA PHE A 63 8.24 -31.13 -24.88
C PHE A 63 9.63 -31.64 -24.54
N ILE A 64 10.66 -31.01 -25.11
CA ILE A 64 12.04 -31.37 -24.81
C ILE A 64 12.31 -31.20 -23.32
N SER A 65 12.02 -30.03 -22.77
CA SER A 65 12.21 -29.79 -21.35
C SER A 65 11.32 -30.65 -20.48
N PHE A 66 10.23 -31.19 -21.03
CA PHE A 66 9.39 -32.12 -20.28
C PHE A 66 10.07 -33.47 -20.15
N VAL A 67 10.42 -34.10 -21.27
CA VAL A 67 11.06 -35.42 -21.20
C VAL A 67 12.44 -35.37 -20.57
N CYS A 68 13.10 -34.22 -20.57
CA CYS A 68 14.37 -34.05 -19.87
C CYS A 68 14.18 -33.67 -18.41
N ALA A 69 13.01 -33.98 -17.83
CA ALA A 69 12.77 -33.81 -16.41
C ALA A 69 12.11 -35.02 -15.78
N VAL A 70 11.73 -36.03 -16.57
CA VAL A 70 11.30 -37.31 -16.04
C VAL A 70 12.50 -38.23 -15.94
N LEU A 71 13.47 -38.06 -16.84
CA LEU A 71 14.70 -38.84 -16.77
C LEU A 71 15.52 -38.52 -15.53
N SER A 72 15.31 -37.37 -14.91
CA SER A 72 15.91 -37.05 -13.62
C SER A 72 15.04 -37.49 -12.45
N GLY A 73 13.89 -38.12 -12.73
CA GLY A 73 13.08 -38.74 -11.70
C GLY A 73 13.36 -40.22 -11.59
N GLY A 74 14.61 -40.61 -11.82
CA GLY A 74 15.07 -41.97 -11.63
C GLY A 74 16.43 -42.05 -10.99
N THR A 75 16.99 -40.90 -10.59
CA THR A 75 18.28 -40.87 -9.92
C THR A 75 18.20 -41.46 -8.52
N LEU A 76 17.19 -41.06 -7.75
CA LEU A 76 17.10 -41.50 -6.35
C LEU A 76 16.62 -42.94 -6.21
N PRO A 77 15.70 -43.45 -7.04
CA PRO A 77 15.40 -44.89 -7.01
C PRO A 77 16.58 -45.79 -7.36
N PHE A 78 17.70 -45.25 -7.82
CA PHE A 78 18.94 -46.01 -8.03
C PHE A 78 19.89 -45.89 -6.85
N PHE A 79 20.14 -44.66 -6.39
CA PHE A 79 20.99 -44.45 -5.23
C PHE A 79 20.42 -45.12 -3.99
N ILE A 80 19.11 -45.03 -3.79
CA ILE A 80 18.46 -45.68 -2.66
C ILE A 80 18.48 -47.19 -2.83
N SER A 81 18.50 -47.68 -4.06
CA SER A 81 18.57 -49.12 -4.28
C SER A 81 19.94 -49.69 -3.98
N VAL A 82 21.00 -48.91 -4.19
CA VAL A 82 22.36 -49.38 -3.91
C VAL A 82 22.89 -48.91 -2.55
N PHE A 83 22.18 -48.05 -1.84
CA PHE A 83 22.65 -47.54 -0.56
C PHE A 83 22.77 -48.63 0.49
N GLY A 84 21.98 -49.69 0.38
CA GLY A 84 22.07 -50.81 1.30
C GLY A 84 23.15 -51.78 0.90
N VAL A 85 23.28 -52.00 -0.41
CA VAL A 85 24.25 -52.96 -0.90
C VAL A 85 25.67 -52.46 -0.67
N ILE A 86 25.89 -51.14 -0.77
CA ILE A 86 27.19 -50.58 -0.44
C ILE A 86 27.56 -50.91 1.01
N LEU A 87 26.64 -50.65 1.93
CA LEU A 87 26.92 -50.87 3.35
C LEU A 87 27.16 -52.34 3.64
N LYS A 88 26.38 -53.22 3.02
CA LYS A 88 26.60 -54.66 3.20
C LYS A 88 27.93 -55.08 2.62
N ASN A 89 28.36 -54.45 1.53
CA ASN A 89 29.59 -54.81 0.84
C ASN A 89 30.82 -54.24 1.54
N MET A 90 30.65 -53.22 2.38
CA MET A 90 31.78 -52.64 3.11
C MET A 90 32.07 -53.41 4.39
N ASN A 91 31.03 -53.79 5.15
CA ASN A 91 31.19 -54.45 6.44
C ASN A 91 31.15 -55.96 6.32
N LEU A 92 31.62 -56.50 5.21
CA LEU A 92 31.73 -57.93 5.01
C LEU A 92 33.01 -58.38 4.32
N GLY A 93 33.76 -57.48 3.69
CA GLY A 93 35.10 -57.78 3.18
C GLY A 93 35.23 -57.87 1.67
N ASP A 94 34.51 -57.02 0.95
CA ASP A 94 34.56 -56.99 -0.51
C ASP A 94 34.54 -55.53 -0.99
N ASP A 95 34.61 -55.34 -2.31
CA ASP A 95 34.86 -54.04 -2.92
C ASP A 95 33.59 -53.47 -3.55
N ILE A 96 33.67 -52.17 -3.87
CA ILE A 96 32.51 -51.38 -4.30
C ILE A 96 32.81 -50.54 -5.55
N ASN A 97 34.05 -50.57 -6.04
CA ASN A 97 34.46 -49.72 -7.15
C ASN A 97 33.61 -49.87 -8.41
N PRO A 98 33.11 -51.07 -8.76
CA PRO A 98 32.19 -51.15 -9.90
C PRO A 98 30.93 -50.33 -9.72
N ILE A 99 30.51 -50.09 -8.49
CA ILE A 99 29.25 -49.38 -8.25
C ILE A 99 29.47 -47.88 -8.32
N ILE A 100 30.64 -47.40 -7.92
CA ILE A 100 30.91 -45.96 -7.98
C ILE A 100 30.90 -45.47 -9.41
N LEU A 101 31.59 -46.19 -10.31
CA LEU A 101 31.63 -45.79 -11.71
C LEU A 101 30.26 -45.86 -12.37
N SER A 102 29.35 -46.68 -11.84
CA SER A 102 27.97 -46.68 -12.30
C SER A 102 27.13 -45.57 -11.68
N LEU A 103 27.72 -44.71 -10.86
CA LEU A 103 27.01 -43.70 -10.11
C LEU A 103 27.45 -42.28 -10.43
N VAL A 104 28.57 -42.10 -11.12
CA VAL A 104 29.03 -40.77 -11.51
C VAL A 104 28.53 -40.40 -12.90
N SER A 105 28.46 -41.36 -13.81
CA SER A 105 27.92 -41.10 -15.14
C SER A 105 26.50 -40.55 -15.06
N ILE A 106 25.69 -41.11 -14.18
CA ILE A 106 24.34 -40.61 -13.97
C ILE A 106 24.38 -39.19 -13.41
N GLY A 107 25.39 -38.87 -12.60
CA GLY A 107 25.54 -37.50 -12.16
C GLY A 107 25.80 -36.55 -13.31
N LEU A 108 26.66 -36.97 -14.24
CA LEU A 108 26.96 -36.11 -15.39
C LEU A 108 25.73 -35.90 -16.26
N VAL A 109 24.99 -36.98 -16.55
CA VAL A 109 23.84 -36.81 -17.43
C VAL A 109 22.74 -36.03 -16.73
N GLN A 110 22.61 -36.16 -15.40
CA GLN A 110 21.71 -35.28 -14.68
C GLN A 110 22.13 -33.82 -14.81
N PHE A 111 23.43 -33.55 -14.71
CA PHE A 111 23.92 -32.19 -14.88
C PHE A 111 23.53 -31.63 -16.25
N ILE A 112 23.75 -32.40 -17.30
CA ILE A 112 23.44 -31.91 -18.65
C ILE A 112 21.94 -31.72 -18.83
N LEU A 113 21.14 -32.71 -18.44
CA LEU A 113 19.70 -32.63 -18.63
C LEU A 113 19.05 -31.58 -17.74
N SER A 114 19.73 -31.14 -16.68
CA SER A 114 19.27 -30.00 -15.89
C SER A 114 19.78 -28.67 -16.43
N MET A 115 20.92 -28.68 -17.12
CA MET A 115 21.42 -27.47 -17.76
C MET A 115 20.57 -27.09 -18.96
N ILE A 116 20.00 -28.08 -19.64
CA ILE A 116 19.22 -27.78 -20.85
C ILE A 116 17.92 -27.05 -20.50
N SER A 117 17.19 -27.53 -19.48
CA SER A 117 15.82 -27.09 -19.28
C SER A 117 15.70 -25.62 -18.88
N SER A 118 16.65 -25.11 -18.08
CA SER A 118 16.61 -23.71 -17.69
C SER A 118 16.72 -22.80 -18.92
N TYR A 119 17.70 -23.10 -19.78
CA TYR A 119 17.83 -22.40 -21.05
C TYR A 119 16.54 -22.50 -21.87
N CYS A 120 15.97 -23.69 -21.95
CA CYS A 120 14.78 -23.87 -22.77
C CYS A 120 13.55 -23.16 -22.22
N MET A 121 13.50 -22.88 -20.92
CA MET A 121 12.33 -22.25 -20.31
C MET A 121 12.41 -20.74 -20.22
N ASP A 122 13.56 -20.17 -19.83
CA ASP A 122 13.60 -18.72 -19.64
C ASP A 122 13.34 -17.96 -20.94
N VAL A 123 13.73 -18.52 -22.08
CA VAL A 123 13.38 -17.94 -23.36
C VAL A 123 11.87 -17.81 -23.53
N ILE A 124 11.14 -18.89 -23.21
CA ILE A 124 9.69 -18.89 -23.35
C ILE A 124 9.06 -17.87 -22.40
N THR A 125 9.60 -17.78 -21.19
CA THR A 125 9.12 -16.77 -20.24
C THR A 125 9.27 -15.37 -20.82
N SER A 126 10.45 -15.07 -21.37
CA SER A 126 10.68 -13.76 -21.97
C SER A 126 9.71 -13.51 -23.12
N LYS A 127 9.43 -14.53 -23.92
CA LYS A 127 8.53 -14.37 -25.06
C LYS A 127 7.13 -13.97 -24.61
N ILE A 128 6.54 -14.74 -23.69
CA ILE A 128 5.18 -14.44 -23.26
C ILE A 128 5.12 -13.11 -22.51
N LEU A 129 6.15 -12.83 -21.71
CA LEU A 129 6.21 -11.59 -20.97
C LEU A 129 6.37 -10.39 -21.88
N LYS A 130 6.90 -10.58 -23.09
CA LYS A 130 6.92 -9.53 -24.10
C LYS A 130 5.57 -9.37 -24.76
N THR A 131 4.95 -10.47 -25.19
CA THR A 131 3.71 -10.38 -25.96
C THR A 131 2.58 -9.77 -25.15
N LEU A 132 2.48 -10.12 -23.86
CA LEU A 132 1.42 -9.54 -23.04
C LEU A 132 1.52 -8.02 -23.00
N LYS A 133 2.73 -7.51 -22.79
CA LYS A 133 2.94 -6.06 -22.76
C LYS A 133 2.62 -5.43 -24.11
N LEU A 134 3.09 -6.05 -25.20
CA LEU A 134 2.91 -5.46 -26.52
C LEU A 134 1.48 -5.56 -27.02
N GLU A 135 0.61 -6.33 -26.37
CA GLU A 135 -0.82 -6.21 -26.60
C GLU A 135 -1.51 -5.25 -25.64
N TYR A 136 -1.03 -5.16 -24.40
CA TYR A 136 -1.65 -4.29 -23.41
C TYR A 136 -1.48 -2.82 -23.79
N LEU A 137 -0.29 -2.42 -24.23
CA LEU A 137 -0.10 -1.03 -24.64
C LEU A 137 -1.02 -0.68 -25.80
N ARG A 138 -1.18 -1.58 -26.76
CA ARG A 138 -2.10 -1.37 -27.86
C ARG A 138 -3.51 -1.16 -27.36
N SER A 139 -4.03 -2.13 -26.61
CA SER A 139 -5.40 -2.04 -26.11
C SER A 139 -5.63 -0.85 -25.21
N VAL A 140 -4.58 -0.27 -24.63
CA VAL A 140 -4.72 0.99 -23.93
C VAL A 140 -4.82 2.16 -24.91
N PHE A 141 -4.04 2.14 -25.99
CA PHE A 141 -4.01 3.30 -26.88
C PHE A 141 -5.22 3.42 -27.80
N TYR A 142 -6.23 2.55 -27.68
CA TYR A 142 -7.45 2.66 -28.48
C TYR A 142 -8.69 2.90 -27.61
N GLN A 143 -8.51 3.51 -26.44
CA GLN A 143 -9.66 3.85 -25.61
C GLN A 143 -10.31 5.14 -26.11
N ASP A 144 -11.50 5.42 -25.57
CA ASP A 144 -12.40 6.42 -26.12
C ASP A 144 -12.36 7.76 -25.38
N GLY A 145 -11.59 7.88 -24.31
CA GLY A 145 -11.57 9.09 -23.50
C GLY A 145 -12.57 9.03 -22.37
N GLN A 146 -13.70 8.38 -22.60
CA GLN A 146 -14.61 8.07 -21.50
C GLN A 146 -13.91 7.23 -20.44
N PHE A 147 -12.96 6.40 -20.85
CA PHE A 147 -12.24 5.55 -19.91
C PHE A 147 -11.12 6.31 -19.22
N HIS A 148 -10.32 7.06 -20.01
CA HIS A 148 -9.15 7.76 -19.50
C HIS A 148 -9.46 8.66 -18.31
N ASP A 149 -10.67 9.21 -18.23
CA ASP A 149 -11.07 9.94 -17.04
C ASP A 149 -11.31 8.99 -15.86
N ASN A 150 -11.68 7.73 -16.14
CA ASN A 150 -11.93 6.77 -15.08
C ASN A 150 -10.65 6.08 -14.63
N ASN A 151 -9.76 5.75 -15.58
CA ASN A 151 -8.53 5.01 -15.33
C ASN A 151 -7.31 5.83 -15.74
N PRO A 152 -6.96 6.87 -14.97
CA PRO A 152 -6.00 7.86 -15.48
C PRO A 152 -4.54 7.46 -15.37
N GLY A 153 -3.91 7.18 -16.50
CA GLY A 153 -2.46 7.19 -16.61
C GLY A 153 -1.68 6.30 -15.67
N SER A 154 -1.06 6.91 -14.67
CA SER A 154 -0.06 6.27 -13.80
C SER A 154 -0.58 5.03 -13.09
N LYS A 155 -1.89 4.84 -12.99
CA LYS A 155 -2.40 3.59 -12.43
C LYS A 155 -2.03 2.40 -13.28
N LEU A 156 -2.22 2.52 -14.61
CA LEU A 156 -2.02 1.40 -15.52
C LEU A 156 -0.59 0.87 -15.44
N ARG A 157 0.40 1.75 -15.56
CA ARG A 157 1.79 1.30 -15.44
C ARG A 157 2.11 0.82 -14.03
N SER A 158 1.39 1.31 -13.03
CA SER A 158 1.55 0.77 -11.68
C SER A 158 0.87 -0.59 -11.52
N ASP A 159 -0.09 -0.91 -12.39
CA ASP A 159 -0.74 -2.21 -12.37
C ASP A 159 0.03 -3.22 -13.21
N LEU A 160 0.42 -2.82 -14.42
CA LEU A 160 1.06 -3.72 -15.37
C LEU A 160 2.22 -4.49 -14.75
N ASP A 161 3.23 -3.75 -14.26
CA ASP A 161 4.41 -4.36 -13.66
C ASP A 161 4.03 -5.37 -12.57
N PHE A 162 3.01 -5.04 -11.77
CA PHE A 162 2.58 -5.94 -10.72
C PHE A 162 2.19 -7.30 -11.31
N TYR A 163 1.32 -7.30 -12.30
CA TYR A 163 0.95 -8.56 -12.94
C TYR A 163 2.17 -9.21 -13.59
N LEU A 164 3.08 -8.40 -14.12
CA LEU A 164 4.25 -8.95 -14.77
C LEU A 164 5.36 -9.34 -13.80
N GLU A 165 5.08 -9.37 -12.50
CA GLU A 165 5.92 -10.14 -11.57
C GLU A 165 5.14 -11.22 -10.85
N GLN A 166 3.91 -11.52 -11.28
CA GLN A 166 3.21 -12.72 -10.81
C GLN A 166 3.30 -13.84 -11.83
N VAL A 167 3.31 -13.51 -13.12
CA VAL A 167 3.47 -14.53 -14.17
C VAL A 167 4.92 -14.86 -14.45
N SER A 168 5.86 -13.99 -14.07
CA SER A 168 7.27 -14.25 -14.33
C SER A 168 7.84 -15.22 -13.30
N SER A 169 7.54 -15.01 -12.03
CA SER A 169 8.09 -15.79 -10.94
C SER A 169 7.24 -17.01 -10.60
N GLY A 170 6.47 -17.53 -11.56
CA GLY A 170 5.66 -18.71 -11.33
C GLY A 170 5.52 -19.62 -12.52
N ILE A 171 6.26 -19.37 -13.59
CA ILE A 171 6.23 -20.20 -14.79
C ILE A 171 7.64 -20.47 -15.30
N GLY A 172 8.65 -20.23 -14.45
CA GLY A 172 10.03 -20.38 -14.87
C GLY A 172 10.50 -21.81 -14.73
N THR A 173 11.57 -22.00 -13.95
CA THR A 173 12.11 -23.33 -13.72
C THR A 173 11.28 -24.14 -12.73
N LYS A 174 10.55 -23.48 -11.83
CA LYS A 174 9.78 -24.17 -10.80
C LYS A 174 8.39 -24.60 -11.28
N PHE A 175 8.19 -24.73 -12.60
CA PHE A 175 7.04 -25.42 -13.15
C PHE A 175 7.37 -26.83 -13.61
N ILE A 176 8.67 -27.13 -13.82
CA ILE A 176 9.13 -28.46 -14.21
C ILE A 176 9.78 -29.20 -13.06
N THR A 177 9.74 -28.64 -11.84
CA THR A 177 10.13 -29.38 -10.64
C THR A 177 8.94 -30.08 -10.00
N ILE A 178 7.96 -30.45 -10.80
CA ILE A 178 6.77 -31.14 -10.34
C ILE A 178 6.70 -32.55 -10.92
N PHE A 179 7.10 -32.72 -12.17
CA PHE A 179 7.12 -34.04 -12.77
C PHE A 179 8.32 -34.86 -12.29
N THR A 180 9.42 -34.19 -11.97
CA THR A 180 10.55 -34.86 -11.33
C THR A 180 10.11 -35.52 -10.03
N TYR A 181 9.50 -34.74 -9.15
CA TYR A 181 9.14 -35.23 -7.83
C TYR A 181 8.07 -36.30 -7.91
N ALA A 182 7.11 -36.15 -8.83
CA ALA A 182 6.09 -37.17 -8.98
C ALA A 182 6.68 -38.47 -9.51
N SER A 183 7.61 -38.37 -10.47
CA SER A 183 8.29 -39.57 -10.95
C SER A 183 9.06 -40.25 -9.82
N SER A 184 9.75 -39.47 -8.99
CA SER A 184 10.48 -40.04 -7.87
C SER A 184 9.54 -40.74 -6.89
N PHE A 185 8.42 -40.09 -6.56
CA PHE A 185 7.38 -40.69 -5.73
C PHE A 185 6.98 -42.06 -6.27
N LEU A 186 6.58 -42.10 -7.55
CA LEU A 186 6.09 -43.33 -8.14
C LEU A 186 7.16 -44.42 -8.12
N GLY A 187 8.39 -44.07 -8.51
CA GLY A 187 9.45 -45.06 -8.53
C GLY A 187 9.73 -45.63 -7.17
N LEU A 188 9.92 -44.76 -6.16
CA LEU A 188 10.19 -45.21 -4.81
C LEU A 188 9.09 -46.13 -4.30
N TYR A 189 7.83 -45.71 -4.43
CA TYR A 189 6.74 -46.48 -3.85
C TYR A 189 6.56 -47.82 -4.55
N ILE A 190 6.59 -47.84 -5.88
CA ILE A 190 6.35 -49.11 -6.56
C ILE A 190 7.52 -50.07 -6.37
N TRP A 191 8.76 -49.56 -6.37
CA TRP A 191 9.90 -50.43 -6.10
C TRP A 191 9.82 -51.01 -4.69
N SER A 192 9.55 -50.16 -3.70
CA SER A 192 9.43 -50.63 -2.32
C SER A 192 8.27 -51.59 -2.13
N LEU A 193 7.24 -51.50 -2.96
CA LEU A 193 6.09 -52.37 -2.81
C LEU A 193 6.30 -53.73 -3.46
N ILE A 194 6.98 -53.79 -4.62
CA ILE A 194 7.19 -55.09 -5.25
C ILE A 194 8.07 -56.02 -4.42
N LYS A 195 8.93 -55.47 -3.56
CA LYS A 195 9.87 -56.28 -2.82
C LYS A 195 9.18 -57.05 -1.70
N ASN A 196 8.55 -56.33 -0.77
CA ASN A 196 7.72 -56.94 0.26
C ASN A 196 6.55 -56.00 0.53
N ALA A 197 5.34 -56.44 0.18
CA ALA A 197 4.17 -55.59 0.18
C ALA A 197 3.32 -55.73 1.44
N ARG A 198 3.94 -55.99 2.57
CA ARG A 198 3.28 -56.00 3.87
C ARG A 198 4.02 -55.16 4.89
N LEU A 199 5.32 -54.97 4.72
CA LEU A 199 6.08 -54.03 5.55
C LEU A 199 5.77 -52.59 5.20
N THR A 200 5.78 -52.25 3.91
CA THR A 200 5.59 -50.85 3.50
C THR A 200 4.19 -50.36 3.83
N LEU A 201 3.18 -51.21 3.68
CA LEU A 201 1.82 -50.82 4.03
C LEU A 201 1.71 -50.52 5.51
N CYS A 202 2.31 -51.34 6.35
CA CYS A 202 2.26 -51.15 7.79
C CYS A 202 3.19 -50.05 8.27
N ILE A 203 4.09 -49.56 7.42
CA ILE A 203 4.86 -48.37 7.74
C ILE A 203 4.10 -47.11 7.33
N THR A 204 3.40 -47.14 6.19
CA THR A 204 2.72 -45.95 5.70
C THR A 204 1.31 -45.79 6.26
N CYS A 205 0.87 -46.66 7.16
CA CYS A 205 -0.43 -46.53 7.81
C CYS A 205 -0.36 -45.72 9.10
N VAL A 206 0.67 -44.87 9.22
CA VAL A 206 0.78 -43.93 10.33
C VAL A 206 0.54 -42.48 9.89
N PHE A 207 0.71 -42.19 8.61
CA PHE A 207 0.61 -40.87 8.02
C PHE A 207 -0.81 -40.31 7.89
N PRO A 208 -1.85 -41.13 7.70
CA PRO A 208 -3.21 -40.58 7.80
C PRO A 208 -3.48 -39.87 9.12
N LEU A 209 -2.89 -40.36 10.21
CA LEU A 209 -3.03 -39.75 11.53
C LEU A 209 -2.31 -38.40 11.64
N ILE A 210 -1.54 -38.03 10.62
CA ILE A 210 -0.94 -36.71 10.53
C ILE A 210 -1.88 -35.71 9.87
N TYR A 211 -2.46 -36.07 8.74
CA TYR A 211 -3.45 -35.23 8.09
C TYR A 211 -4.66 -35.01 8.99
N VAL A 212 -5.08 -36.06 9.71
CA VAL A 212 -6.20 -35.93 10.63
C VAL A 212 -5.90 -34.89 11.70
N CYS A 213 -4.74 -34.98 12.34
CA CYS A 213 -4.36 -34.01 13.36
C CYS A 213 -4.28 -32.60 12.77
N GLY A 214 -3.76 -32.48 11.55
CA GLY A 214 -3.67 -31.17 10.93
C GLY A 214 -5.04 -30.52 10.75
N VAL A 215 -5.99 -31.28 10.22
CA VAL A 215 -7.30 -30.70 9.92
C VAL A 215 -8.07 -30.48 11.21
N ILE A 216 -7.79 -31.27 12.25
CA ILE A 216 -8.44 -31.04 13.54
C ILE A 216 -7.88 -29.81 14.23
N CYS A 217 -6.58 -29.53 14.05
CA CYS A 217 -5.98 -28.41 14.75
C CYS A 217 -6.20 -27.07 14.03
N ASN A 218 -6.29 -27.09 12.70
CA ASN A 218 -6.54 -25.85 11.98
C ASN A 218 -7.86 -25.21 12.39
N LYS A 219 -8.86 -26.03 12.70
CA LYS A 219 -10.15 -25.52 13.16
C LYS A 219 -9.99 -24.69 14.44
N LYS A 220 -9.38 -25.30 15.46
CA LYS A 220 -9.24 -24.65 16.74
C LYS A 220 -8.25 -23.50 16.68
N VAL A 221 -7.41 -23.45 15.65
CA VAL A 221 -6.60 -22.26 15.43
C VAL A 221 -7.46 -21.11 14.91
N LYS A 222 -8.21 -21.36 13.84
CA LYS A 222 -8.99 -20.29 13.21
C LYS A 222 -10.07 -19.74 14.13
N LEU A 223 -10.76 -20.62 14.87
CA LEU A 223 -11.88 -20.18 15.71
C LEU A 223 -11.44 -19.15 16.74
N ASN A 224 -10.24 -19.28 17.28
CA ASN A 224 -9.72 -18.33 18.24
C ASN A 224 -9.02 -17.16 17.58
N LYS A 225 -8.42 -17.39 16.41
CA LYS A 225 -7.72 -16.31 15.73
C LYS A 225 -8.69 -15.23 15.24
N LYS A 226 -9.89 -15.63 14.80
CA LYS A 226 -10.85 -14.63 14.36
C LYS A 226 -11.34 -13.76 15.50
N THR A 227 -11.54 -14.33 16.69
CA THR A 227 -11.89 -13.53 17.85
C THR A 227 -10.74 -12.62 18.30
N SER A 228 -9.52 -13.12 18.20
CA SER A 228 -8.37 -12.25 18.44
C SER A 228 -8.36 -11.05 17.50
N LEU A 229 -8.71 -11.27 16.24
CA LEU A 229 -8.84 -10.15 15.31
C LEU A 229 -10.00 -9.25 15.68
N LEU A 230 -11.10 -9.83 16.16
CA LEU A 230 -12.26 -9.04 16.57
C LEU A 230 -11.88 -8.05 17.65
N TYR A 231 -11.12 -8.49 18.64
CA TYR A 231 -10.77 -7.61 19.77
C TYR A 231 -9.48 -6.82 19.55
N ASN A 232 -9.12 -6.53 18.29
CA ASN A 232 -8.01 -5.64 17.96
C ASN A 232 -8.47 -4.37 17.26
N ASN A 233 -9.48 -4.47 16.40
CA ASN A 233 -10.03 -3.29 15.75
C ASN A 233 -10.62 -2.33 16.77
N ASN A 234 -11.12 -2.85 17.89
CA ASN A 234 -11.61 -2.00 18.97
C ASN A 234 -10.49 -1.10 19.49
N THR A 235 -9.32 -1.70 19.75
CA THR A 235 -8.18 -0.92 20.20
C THR A 235 -7.72 0.08 19.15
N MET A 236 -7.70 -0.36 17.88
CA MET A 236 -7.38 0.55 16.78
C MET A 236 -8.30 1.78 16.79
N SER A 237 -9.60 1.55 16.90
CA SER A 237 -10.57 2.63 16.88
C SER A 237 -10.39 3.55 18.07
N ILE A 238 -10.16 2.98 19.26
CA ILE A 238 -9.91 3.78 20.45
C ILE A 238 -8.71 4.70 20.22
N ILE A 239 -7.61 4.14 19.72
CA ILE A 239 -6.38 4.92 19.57
C ILE A 239 -6.60 6.05 18.59
N GLU A 240 -7.20 5.75 17.44
CA GLU A 240 -7.40 6.79 16.43
C GLU A 240 -8.35 7.87 16.95
N GLU A 241 -9.47 7.46 17.53
CA GLU A 241 -10.50 8.41 17.94
C GLU A 241 -10.08 9.22 19.16
N ALA A 242 -9.07 8.78 19.90
CA ALA A 242 -8.53 9.54 21.01
C ALA A 242 -7.34 10.40 20.62
N LEU A 243 -6.61 10.03 19.56
CA LEU A 243 -5.53 10.88 19.05
C LEU A 243 -6.02 11.97 18.13
N MET A 244 -7.20 11.80 17.52
CA MET A 244 -7.76 12.87 16.70
C MET A 244 -8.22 14.03 17.57
N GLY A 245 -9.18 13.78 18.46
CA GLY A 245 -9.67 14.79 19.37
C GLY A 245 -8.91 14.84 20.68
N ILE A 246 -7.70 15.35 20.67
CA ILE A 246 -6.88 15.39 21.88
C ILE A 246 -7.31 16.50 22.83
N ARG A 247 -7.86 17.60 22.31
CA ARG A 247 -8.13 18.77 23.14
C ARG A 247 -9.51 18.74 23.80
N THR A 248 -10.42 17.89 23.33
CA THR A 248 -11.62 17.55 24.10
C THR A 248 -11.37 16.42 25.09
N VAL A 249 -10.17 15.85 25.10
CA VAL A 249 -9.77 14.87 26.09
C VAL A 249 -9.04 15.53 27.26
N ALA A 250 -8.18 16.50 26.97
CA ALA A 250 -7.45 17.21 28.00
C ALA A 250 -8.26 18.32 28.66
N SER A 251 -9.32 18.79 28.01
CA SER A 251 -10.18 19.81 28.60
C SER A 251 -11.14 19.25 29.64
N TYR A 252 -11.55 17.99 29.49
CA TYR A 252 -12.34 17.30 30.50
C TYR A 252 -11.49 16.40 31.41
N CYS A 253 -10.18 16.34 31.17
CA CYS A 253 -9.27 15.58 32.01
C CYS A 253 -9.64 14.10 32.01
N GLY A 254 -9.83 13.55 30.82
CA GLY A 254 -10.25 12.16 30.64
C GLY A 254 -9.16 11.28 30.09
N GLU A 255 -7.93 11.46 30.58
CA GLU A 255 -6.82 10.62 30.13
C GLU A 255 -6.96 9.19 30.63
N LYS A 256 -7.54 9.00 31.82
CA LYS A 256 -7.47 7.73 32.51
C LYS A 256 -8.61 6.78 32.16
N THR A 257 -9.79 7.29 31.86
CA THR A 257 -10.94 6.44 31.57
C THR A 257 -10.91 5.87 30.15
N ILE A 258 -9.81 6.05 29.42
CA ILE A 258 -9.57 5.40 28.13
C ILE A 258 -8.58 4.27 28.33
N LEU A 259 -7.64 4.46 29.26
CA LEU A 259 -6.65 3.44 29.54
C LEU A 259 -7.29 2.17 30.08
N ASN A 260 -8.38 2.29 30.83
CA ASN A 260 -9.06 1.08 31.29
C ASN A 260 -9.66 0.29 30.14
N LYS A 261 -10.30 0.97 29.18
CA LYS A 261 -10.81 0.29 28.00
C LYS A 261 -9.67 -0.36 27.21
N PHE A 262 -8.55 0.35 27.09
CA PHE A 262 -7.42 -0.18 26.34
C PHE A 262 -6.85 -1.43 27.00
N ASN A 263 -6.62 -1.37 28.31
CA ASN A 263 -6.06 -2.49 29.04
C ASN A 263 -7.05 -3.62 29.31
N LEU A 264 -8.35 -3.40 29.07
CA LEU A 264 -9.33 -4.48 29.13
C LEU A 264 -9.62 -5.14 27.80
N SER A 265 -9.49 -4.40 26.69
CA SER A 265 -9.63 -4.99 25.37
C SER A 265 -8.31 -5.51 24.81
N GLU A 266 -7.28 -5.64 25.66
CA GLU A 266 -5.98 -6.12 25.25
C GLU A 266 -5.64 -7.48 25.86
N THR A 267 -6.37 -7.88 26.90
CA THR A 267 -6.10 -9.15 27.58
C THR A 267 -6.79 -10.33 26.91
N PHE A 268 -8.05 -10.15 26.48
CA PHE A 268 -8.75 -11.19 25.74
C PHE A 268 -7.97 -11.59 24.50
N TYR A 269 -7.41 -10.59 23.80
CA TYR A 269 -6.54 -10.85 22.66
C TYR A 269 -5.40 -11.77 23.05
N SER A 270 -4.74 -11.47 24.17
CA SER A 270 -3.61 -12.28 24.61
C SER A 270 -4.02 -13.71 24.89
N LYS A 271 -5.08 -13.90 25.68
CA LYS A 271 -5.43 -15.26 26.09
C LYS A 271 -5.88 -16.09 24.88
N TYR A 272 -6.66 -15.51 23.98
CA TYR A 272 -7.08 -16.29 22.81
C TYR A 272 -5.92 -16.59 21.87
N ILE A 273 -5.04 -15.62 21.61
CA ILE A 273 -3.98 -15.91 20.67
C ILE A 273 -2.97 -16.89 21.28
N LEU A 274 -2.85 -16.94 22.62
CA LEU A 274 -2.03 -17.98 23.23
C LEU A 274 -2.70 -19.35 23.16
N LYS A 275 -4.04 -19.41 23.32
CA LYS A 275 -4.74 -20.65 23.03
C LYS A 275 -4.43 -21.14 21.63
N ALA A 276 -4.31 -20.21 20.67
CA ALA A 276 -3.96 -20.60 19.32
C ALA A 276 -2.52 -21.12 19.22
N ASN A 277 -1.58 -20.37 19.79
CA ASN A 277 -0.17 -20.75 19.68
C ASN A 277 0.11 -22.10 20.35
N PHE A 278 -0.64 -22.45 21.39
CA PHE A 278 -0.44 -23.73 22.05
C PHE A 278 -0.68 -24.89 21.08
N VAL A 279 -1.83 -24.88 20.42
CA VAL A 279 -2.12 -25.89 19.41
C VAL A 279 -1.17 -25.78 18.24
N GLU A 280 -0.71 -24.56 17.92
CA GLU A 280 0.20 -24.40 16.80
C GLU A 280 1.55 -25.03 17.08
N ALA A 281 1.93 -25.12 18.37
CA ALA A 281 3.19 -25.74 18.77
C ALA A 281 3.08 -27.23 19.04
N LEU A 282 1.94 -27.71 19.54
CA LEU A 282 1.77 -29.13 19.79
C LEU A 282 1.91 -29.97 18.54
N HIS A 283 1.42 -29.47 17.41
CA HIS A 283 1.49 -30.19 16.14
C HIS A 283 2.94 -30.47 15.75
N ILE A 284 3.83 -29.47 15.95
CA ILE A 284 5.23 -29.64 15.60
C ILE A 284 5.85 -30.81 16.37
N GLY A 285 5.62 -30.85 17.68
CA GLY A 285 6.18 -31.92 18.48
C GLY A 285 5.62 -33.26 18.12
N LEU A 286 4.31 -33.34 17.88
CA LEU A 286 3.71 -34.62 17.53
C LEU A 286 4.22 -35.16 16.20
N ILE A 287 4.49 -34.27 15.23
CA ILE A 287 5.01 -34.72 13.95
C ILE A 287 6.50 -35.06 14.04
N ASN A 288 7.26 -34.38 14.89
CA ASN A 288 8.62 -34.82 15.16
C ASN A 288 8.66 -36.10 15.99
N GLY A 289 7.53 -36.51 16.57
CA GLY A 289 7.50 -37.71 17.38
C GLY A 289 7.07 -38.97 16.66
N LEU A 290 6.02 -38.90 15.84
CA LEU A 290 5.49 -40.13 15.24
C LEU A 290 6.43 -40.77 14.23
N ILE A 291 7.32 -39.99 13.63
CA ILE A 291 8.28 -40.54 12.67
C ILE A 291 9.25 -41.49 13.36
N LEU A 292 9.72 -41.11 14.54
CA LEU A 292 10.59 -41.93 15.36
C LEU A 292 9.86 -43.07 16.05
N VAL A 293 8.58 -43.27 15.75
CA VAL A 293 7.90 -44.53 16.03
C VAL A 293 7.72 -45.35 14.76
N SER A 294 7.53 -44.70 13.61
CA SER A 294 7.51 -45.41 12.34
C SER A 294 8.81 -46.17 12.12
N TYR A 295 9.95 -45.50 12.34
CA TYR A 295 11.25 -46.16 12.23
C TYR A 295 11.30 -47.43 13.08
N ALA A 296 10.94 -47.30 14.36
CA ALA A 296 11.07 -48.42 15.28
C ALA A 296 10.18 -49.59 14.90
N PHE A 297 8.90 -49.31 14.59
CA PHE A 297 8.01 -50.40 14.21
C PHE A 297 8.47 -51.06 12.91
N GLY A 298 8.96 -50.26 11.96
CA GLY A 298 9.49 -50.84 10.73
C GLY A 298 10.63 -51.81 11.00
N PHE A 299 11.60 -51.39 11.82
CA PHE A 299 12.70 -52.29 12.13
C PHE A 299 12.22 -53.53 12.89
N TRP A 300 11.28 -53.35 13.82
CA TRP A 300 10.85 -54.47 14.65
C TRP A 300 10.11 -55.50 13.85
N TYR A 301 9.35 -55.09 12.84
CA TYR A 301 8.69 -56.06 11.97
C TYR A 301 9.65 -56.62 10.92
N GLY A 302 10.65 -55.84 10.53
CA GLY A 302 11.65 -56.34 9.59
C GLY A 302 12.47 -57.48 10.16
N THR A 303 12.96 -57.33 11.39
CA THR A 303 13.71 -58.40 12.04
C THR A 303 12.89 -59.65 12.29
N ARG A 304 11.56 -59.59 12.18
CA ARG A 304 10.70 -60.74 12.40
C ARG A 304 10.25 -61.40 11.12
N ILE A 305 10.21 -60.68 9.99
CA ILE A 305 10.01 -61.36 8.72
C ILE A 305 11.25 -62.10 8.25
N ILE A 306 12.43 -61.73 8.73
CA ILE A 306 13.65 -62.46 8.36
C ILE A 306 13.63 -63.85 8.97
N ILE A 307 13.45 -63.93 10.29
CA ILE A 307 13.61 -65.18 11.01
C ILE A 307 12.58 -66.20 10.56
N ASN A 308 11.33 -65.76 10.40
CA ASN A 308 10.27 -66.68 9.98
C ASN A 308 10.48 -67.19 8.57
N SER A 309 11.23 -66.47 7.73
CA SER A 309 11.54 -66.91 6.38
C SER A 309 12.86 -67.68 6.35
N ALA A 310 13.93 -67.04 6.81
CA ALA A 310 15.24 -67.67 6.83
C ALA A 310 15.36 -68.66 7.99
N PHE A 319 15.82 -62.91 0.82
CA PHE A 319 15.49 -61.65 1.47
C PHE A 319 16.51 -61.32 2.54
N ASN A 320 17.62 -60.71 2.13
CA ASN A 320 18.71 -60.40 3.03
C ASN A 320 18.34 -59.19 3.88
N GLY A 321 19.28 -58.72 4.70
CA GLY A 321 19.08 -57.54 5.50
C GLY A 321 19.45 -56.25 4.81
N ALA A 322 19.60 -56.31 3.47
CA ALA A 322 19.90 -55.13 2.68
C ALA A 322 18.68 -54.52 2.02
N SER A 323 17.60 -55.28 1.89
CA SER A 323 16.34 -54.80 1.33
C SER A 323 15.39 -54.35 2.43
N VAL A 324 15.94 -53.90 3.55
CA VAL A 324 15.19 -53.35 4.66
C VAL A 324 15.62 -51.92 4.96
N ILE A 325 16.93 -51.67 4.93
CA ILE A 325 17.44 -50.32 5.12
C ILE A 325 16.93 -49.37 4.04
N SER A 326 16.66 -49.89 2.85
CA SER A 326 16.24 -49.06 1.74
C SER A 326 14.73 -48.84 1.69
N ILE A 327 13.93 -49.80 2.16
CA ILE A 327 12.48 -49.62 2.15
C ILE A 327 12.08 -48.47 3.06
N LEU A 328 12.71 -48.37 4.23
CA LEU A 328 12.37 -47.29 5.15
C LEU A 328 12.64 -45.94 4.53
N LEU A 329 13.84 -45.75 3.98
CA LEU A 329 14.17 -44.49 3.35
C LEU A 329 13.27 -44.21 2.15
N GLY A 330 12.91 -45.23 1.39
CA GLY A 330 12.01 -45.05 0.26
C GLY A 330 10.65 -44.55 0.68
N VAL A 331 10.03 -45.24 1.64
CA VAL A 331 8.68 -44.89 2.06
C VAL A 331 8.68 -43.55 2.79
N LEU A 332 9.76 -43.22 3.48
CA LEU A 332 9.82 -42.00 4.25
C LEU A 332 10.15 -40.78 3.41
N ILE A 333 10.96 -40.95 2.37
CA ILE A 333 11.27 -39.88 1.43
C ILE A 333 10.23 -39.75 0.33
N SER A 334 9.37 -40.76 0.18
CA SER A 334 8.25 -40.66 -0.76
C SER A 334 7.29 -39.55 -0.35
N MET A 335 7.09 -39.34 0.95
CA MET A 335 6.10 -38.38 1.42
C MET A 335 6.66 -36.98 1.57
N PHE A 336 7.97 -36.83 1.75
CA PHE A 336 8.59 -35.51 1.74
C PHE A 336 8.36 -34.79 0.42
N MET A 337 8.18 -35.53 -0.68
CA MET A 337 7.88 -34.90 -1.95
C MET A 337 6.51 -34.24 -1.95
N LEU A 338 5.56 -34.79 -1.18
CA LEU A 338 4.24 -34.20 -1.10
C LEU A 338 4.19 -32.95 -0.23
N THR A 339 5.31 -32.55 0.38
CA THR A 339 5.38 -31.35 1.19
C THR A 339 6.09 -30.20 0.48
N ILE A 340 6.48 -30.39 -0.78
CA ILE A 340 7.20 -29.37 -1.54
C ILE A 340 6.58 -29.16 -2.92
N ILE A 341 5.70 -30.06 -3.34
CA ILE A 341 4.99 -29.90 -4.61
C ILE A 341 3.93 -28.82 -4.48
N LEU A 342 3.29 -28.71 -3.33
CA LEU A 342 2.09 -27.89 -3.21
C LEU A 342 2.31 -26.40 -3.44
N PRO A 343 3.35 -25.76 -2.90
CA PRO A 343 3.54 -24.31 -3.18
C PRO A 343 3.64 -23.97 -4.66
N ASN A 344 4.27 -24.84 -5.46
CA ASN A 344 4.42 -24.55 -6.88
C ASN A 344 3.07 -24.55 -7.59
N ILE A 345 2.16 -25.44 -7.20
CA ILE A 345 0.83 -25.46 -7.80
C ILE A 345 0.07 -24.20 -7.43
N THR A 346 0.21 -23.74 -6.17
CA THR A 346 -0.43 -22.50 -5.77
C THR A 346 0.08 -21.33 -6.59
N GLU A 347 1.41 -21.27 -6.82
CA GLU A 347 1.96 -20.18 -7.60
C GLU A 347 1.51 -20.24 -9.06
N TYR A 348 1.39 -21.44 -9.62
CA TYR A 348 0.91 -21.52 -11.00
C TYR A 348 -0.56 -21.13 -11.12
N MET A 349 -1.39 -21.51 -10.14
CA MET A 349 -2.77 -21.04 -10.14
C MET A 349 -2.83 -19.52 -9.97
N LYS A 350 -1.94 -18.96 -9.16
CA LYS A 350 -1.84 -17.52 -9.02
C LYS A 350 -1.51 -16.86 -10.36
N ALA A 351 -0.59 -17.45 -11.11
CA ALA A 351 -0.29 -16.93 -12.44
C ALA A 351 -1.49 -17.03 -13.37
N LEU A 352 -2.25 -18.13 -13.29
CA LEU A 352 -3.45 -18.25 -14.11
C LEU A 352 -4.44 -17.13 -13.82
N GLU A 353 -4.77 -16.94 -12.54
CA GLU A 353 -5.77 -15.93 -12.21
C GLU A 353 -5.24 -14.52 -12.45
N ALA A 354 -3.91 -14.35 -12.46
CA ALA A 354 -3.35 -13.05 -12.84
C ALA A 354 -3.48 -12.80 -14.33
N THR A 355 -3.18 -13.80 -15.16
CA THR A 355 -3.33 -13.62 -16.60
C THR A 355 -4.78 -13.40 -16.99
N ASN A 356 -5.72 -14.13 -16.38
CA ASN A 356 -7.13 -13.93 -16.68
C ASN A 356 -7.65 -12.59 -16.17
N SER A 357 -6.92 -11.92 -15.28
CA SER A 357 -7.16 -10.54 -14.92
C SER A 357 -6.53 -9.55 -15.91
N LEU A 358 -6.05 -10.04 -17.05
CA LEU A 358 -5.39 -9.21 -18.05
C LEU A 358 -5.85 -9.48 -19.47
N TYR A 359 -6.38 -10.66 -19.75
CA TYR A 359 -6.98 -10.95 -21.05
C TYR A 359 -8.41 -10.42 -21.19
N GLU A 360 -8.90 -9.66 -20.20
CA GLU A 360 -10.17 -8.94 -20.32
C GLU A 360 -9.99 -7.47 -20.60
N ILE A 361 -8.93 -6.85 -20.09
CA ILE A 361 -8.55 -5.50 -20.52
C ILE A 361 -8.27 -5.49 -22.01
N ILE A 362 -7.52 -6.47 -22.50
CA ILE A 362 -7.14 -6.51 -23.91
C ILE A 362 -8.36 -6.66 -24.80
N ASN A 363 -9.40 -7.34 -24.31
CA ASN A 363 -10.59 -7.60 -25.11
C ASN A 363 -11.77 -6.78 -24.61
N ARG A 364 -11.51 -5.54 -24.20
CA ARG A 364 -12.56 -4.59 -23.90
C ARG A 364 -12.90 -3.78 -25.15
N LYS A 365 -14.18 -3.57 -25.37
CA LYS A 365 -14.66 -2.88 -26.56
C LYS A 365 -14.54 -1.37 -26.37
N PRO A 366 -13.90 -0.61 -27.30
CA PRO A 366 -13.75 0.83 -27.07
C PRO A 366 -14.94 1.65 -27.52
N LEU A 367 -15.83 1.05 -28.32
CA LEU A 367 -17.08 1.61 -28.83
C LEU A 367 -16.93 2.91 -29.62
N VAL A 368 -15.71 3.33 -29.96
CA VAL A 368 -15.46 4.44 -30.89
C VAL A 368 -14.43 4.00 -31.90
N GLU A 369 -14.40 2.70 -32.20
CA GLU A 369 -13.28 2.06 -32.88
C GLU A 369 -12.97 2.72 -34.22
N ASN A 370 -11.73 2.54 -34.67
CA ASN A 370 -11.25 3.07 -35.95
C ASN A 370 -11.39 1.97 -36.99
N ASN A 371 -12.59 1.87 -37.57
CA ASN A 371 -12.85 0.85 -38.59
C ASN A 371 -12.16 1.14 -39.91
N ASP A 372 -11.58 2.33 -40.09
CA ASP A 372 -10.92 2.70 -41.34
C ASP A 372 -11.88 2.62 -42.52
N ASP A 373 -13.13 3.05 -42.29
CA ASP A 373 -14.18 2.99 -43.30
C ASP A 373 -14.94 4.31 -43.43
N GLY A 374 -14.44 5.40 -42.83
CA GLY A 374 -15.11 6.67 -42.91
C GLY A 374 -14.90 7.38 -44.23
N GLU A 375 -15.98 7.82 -44.86
CA GLU A 375 -15.89 8.56 -46.12
C GLU A 375 -15.59 10.01 -45.78
N THR A 376 -14.38 10.46 -46.13
CA THR A 376 -13.91 11.78 -45.75
C THR A 376 -14.55 12.85 -46.62
N LEU A 377 -14.28 14.14 -46.23
CA LEU A 377 -14.82 15.30 -46.94
C LEU A 377 -13.79 15.84 -47.94
N PRO A 378 -14.23 16.61 -48.96
CA PRO A 378 -13.27 17.36 -49.77
C PRO A 378 -12.64 18.51 -49.00
N ASN A 379 -13.47 19.25 -48.26
CA ASN A 379 -13.03 20.44 -47.54
C ASN A 379 -13.75 20.50 -46.21
N ILE A 380 -13.52 21.57 -45.46
CA ILE A 380 -14.00 21.72 -44.08
C ILE A 380 -14.85 22.98 -44.02
N LYS A 381 -16.14 22.80 -43.70
CA LYS A 381 -17.06 23.93 -43.57
C LYS A 381 -18.20 23.58 -42.62
N LYS A 382 -18.73 24.60 -41.97
CA LYS A 382 -20.08 24.60 -41.40
C LYS A 382 -20.27 23.47 -40.37
N ILE A 383 -19.56 23.61 -39.25
CA ILE A 383 -19.86 22.82 -38.07
C ILE A 383 -21.22 23.27 -37.53
N GLU A 384 -22.12 22.31 -37.32
CA GLU A 384 -23.53 22.60 -37.02
C GLU A 384 -23.99 21.74 -35.86
N PHE A 385 -24.07 22.34 -34.67
CA PHE A 385 -24.74 21.70 -33.54
C PHE A 385 -26.25 21.73 -33.73
N LYS A 386 -26.92 20.73 -33.17
CA LYS A 386 -28.38 20.68 -33.20
C LYS A 386 -28.86 19.93 -31.95
N ASN A 387 -29.13 20.70 -30.89
CA ASN A 387 -29.78 20.19 -29.67
C ASN A 387 -28.99 19.03 -29.07
N VAL A 388 -27.79 19.33 -28.61
CA VAL A 388 -26.89 18.33 -28.06
C VAL A 388 -27.11 18.23 -26.55
N ARG A 389 -27.36 17.01 -26.08
CA ARG A 389 -27.53 16.71 -24.67
C ARG A 389 -26.59 15.57 -24.31
N PHE A 390 -25.98 15.65 -23.13
CA PHE A 390 -24.95 14.69 -22.74
C PHE A 390 -25.01 14.40 -21.25
N HIS A 391 -24.91 13.11 -20.91
CA HIS A 391 -24.76 12.66 -19.53
C HIS A 391 -23.65 11.61 -19.47
N TYR A 392 -22.98 11.54 -18.33
CA TYR A 392 -21.87 10.61 -18.16
C TYR A 392 -22.39 9.19 -18.05
N ASP A 393 -21.47 8.24 -17.86
CA ASP A 393 -21.83 6.84 -17.60
C ASP A 393 -21.96 6.54 -16.12
N THR A 394 -21.20 7.22 -15.26
CA THR A 394 -21.34 7.03 -13.82
C THR A 394 -22.56 7.77 -13.29
N ARG A 395 -22.55 9.10 -13.41
CA ARG A 395 -23.70 9.93 -13.03
C ARG A 395 -24.66 9.98 -14.21
N LYS A 396 -25.47 8.94 -14.32
CA LYS A 396 -26.30 8.73 -15.51
C LYS A 396 -27.48 9.69 -15.61
N ASP A 397 -27.72 10.53 -14.60
CA ASP A 397 -28.87 11.44 -14.60
C ASP A 397 -28.52 12.84 -14.11
N VAL A 398 -27.23 13.15 -13.97
CA VAL A 398 -26.79 14.50 -13.61
C VAL A 398 -26.61 15.24 -14.93
N GLU A 399 -27.71 15.79 -15.45
CA GLU A 399 -27.71 16.40 -16.77
C GLU A 399 -26.85 17.65 -16.80
N ILE A 400 -26.32 17.96 -17.98
CA ILE A 400 -25.44 19.11 -18.19
C ILE A 400 -26.10 20.15 -19.09
N TYR A 401 -26.58 19.73 -20.25
CA TYR A 401 -27.07 20.63 -21.28
C TYR A 401 -28.58 20.61 -21.36
N LYS A 402 -29.15 21.74 -21.78
CA LYS A 402 -30.59 21.87 -22.01
C LYS A 402 -30.90 22.19 -23.47
N ASP A 403 -30.33 23.26 -24.02
CA ASP A 403 -30.72 23.76 -25.33
C ASP A 403 -29.49 24.21 -26.13
N LEU A 404 -28.46 23.38 -26.13
CA LEU A 404 -27.24 23.69 -26.88
C LEU A 404 -27.53 23.49 -28.36
N SER A 405 -27.56 24.59 -29.12
CA SER A 405 -27.83 24.53 -30.55
C SER A 405 -27.36 25.82 -31.21
N PHE A 406 -26.38 25.70 -32.10
CA PHE A 406 -25.95 26.82 -32.93
C PHE A 406 -25.12 26.26 -34.08
N THR A 407 -24.51 27.14 -34.86
CA THR A 407 -23.77 26.76 -36.05
C THR A 407 -22.53 27.63 -36.18
N LEU A 408 -21.40 27.00 -36.49
CA LEU A 408 -20.14 27.70 -36.67
C LEU A 408 -19.85 27.80 -38.16
N LYS A 409 -20.15 28.94 -38.76
CA LYS A 409 -19.94 29.13 -40.18
C LYS A 409 -18.45 29.11 -40.51
N GLU A 410 -18.17 28.94 -41.80
CA GLU A 410 -16.81 28.89 -42.32
C GLU A 410 -16.30 30.28 -42.67
N GLY A 411 -15.03 30.51 -42.35
CA GLY A 411 -14.33 31.72 -42.73
C GLY A 411 -14.16 32.74 -41.63
N LYS A 412 -14.91 32.65 -40.54
CA LYS A 412 -14.95 33.67 -39.50
C LYS A 412 -14.28 33.18 -38.23
N THR A 413 -14.28 34.04 -37.21
CA THR A 413 -13.75 33.73 -35.88
C THR A 413 -14.90 33.60 -34.90
N TYR A 414 -14.58 33.08 -33.71
CA TYR A 414 -15.57 32.84 -32.66
C TYR A 414 -14.88 33.01 -31.31
N ALA A 415 -15.64 32.76 -30.24
CA ALA A 415 -15.10 32.88 -28.89
C ALA A 415 -16.07 32.24 -27.91
N PHE A 416 -15.59 32.07 -26.69
CA PHE A 416 -16.40 31.50 -25.61
C PHE A 416 -15.90 32.04 -24.28
N VAL A 417 -16.83 32.51 -23.45
CA VAL A 417 -16.52 33.00 -22.11
C VAL A 417 -17.68 32.63 -21.22
N GLY A 418 -17.40 31.96 -20.10
CA GLY A 418 -18.43 31.53 -19.19
C GLY A 418 -17.91 31.22 -17.80
N GLU A 419 -18.57 30.29 -17.13
CA GLU A 419 -18.22 29.91 -15.77
C GLU A 419 -17.09 28.87 -15.81
N SER A 420 -16.81 28.23 -14.67
CA SER A 420 -15.68 27.32 -14.60
C SER A 420 -15.93 26.06 -15.43
N GLY A 421 -17.01 25.33 -15.15
CA GLY A 421 -17.25 24.02 -15.74
C GLY A 421 -18.69 23.76 -16.13
N CYS A 422 -19.41 24.78 -16.57
CA CYS A 422 -20.80 24.63 -16.97
C CYS A 422 -20.98 24.02 -18.37
N GLY A 423 -19.92 23.47 -18.98
CA GLY A 423 -20.04 22.72 -20.21
C GLY A 423 -19.26 23.27 -21.38
N LYS A 424 -18.13 23.93 -21.11
CA LYS A 424 -17.27 24.41 -22.20
C LYS A 424 -16.27 23.36 -22.65
N SER A 425 -15.58 22.73 -21.69
CA SER A 425 -14.54 21.77 -22.05
C SER A 425 -15.10 20.56 -22.79
N THR A 426 -16.31 20.13 -22.44
CA THR A 426 -16.94 19.03 -23.15
C THR A 426 -17.22 19.39 -24.61
N ILE A 427 -17.50 20.65 -24.90
CA ILE A 427 -17.70 21.05 -26.29
C ILE A 427 -16.39 20.89 -27.06
N LEU A 428 -15.27 21.25 -26.44
CA LEU A 428 -13.97 21.05 -27.06
C LEU A 428 -13.71 19.58 -27.30
N LYS A 429 -13.92 18.75 -26.27
CA LYS A 429 -13.72 17.31 -26.40
C LYS A 429 -14.75 16.64 -27.31
N LEU A 430 -15.81 17.35 -27.71
CA LEU A 430 -16.80 16.81 -28.62
C LEU A 430 -16.60 17.26 -30.06
N ILE A 431 -15.91 18.39 -30.29
CA ILE A 431 -15.44 18.68 -31.64
C ILE A 431 -14.39 17.65 -32.05
N GLU A 432 -13.55 17.25 -31.10
CA GLU A 432 -12.53 16.25 -31.34
C GLU A 432 -13.10 14.84 -31.40
N ARG A 433 -14.32 14.63 -30.91
CA ARG A 433 -14.99 13.33 -30.86
C ARG A 433 -14.18 12.34 -30.03
N LEU A 434 -14.08 12.66 -28.74
CA LEU A 434 -13.75 11.66 -27.73
C LEU A 434 -15.02 11.03 -27.18
N TYR A 435 -15.97 11.87 -26.78
CA TYR A 435 -17.27 11.44 -26.32
C TYR A 435 -18.20 11.39 -27.53
N ASP A 436 -19.51 11.22 -27.30
CA ASP A 436 -20.49 11.18 -28.37
C ASP A 436 -21.73 11.95 -27.93
N PRO A 437 -22.53 12.43 -28.89
CA PRO A 437 -23.84 13.01 -28.51
C PRO A 437 -24.81 11.92 -28.08
N THR A 438 -25.60 12.22 -27.05
CA THR A 438 -26.60 11.29 -26.55
C THR A 438 -27.96 11.48 -27.21
N GLU A 439 -28.33 12.71 -27.56
CA GLU A 439 -29.60 13.01 -28.22
C GLU A 439 -29.44 13.81 -29.50
N GLY A 440 -28.51 14.76 -29.54
CA GLY A 440 -28.33 15.62 -30.68
C GLY A 440 -27.47 14.99 -31.76
N ASP A 441 -27.11 15.81 -32.74
CA ASP A 441 -26.23 15.38 -33.82
C ASP A 441 -25.47 16.60 -34.34
N ILE A 442 -24.28 16.34 -34.89
CA ILE A 442 -23.31 17.38 -35.23
C ILE A 442 -23.01 17.27 -36.71
N ILE A 443 -24.05 17.00 -37.52
CA ILE A 443 -23.95 16.91 -38.97
C ILE A 443 -23.17 18.09 -39.52
N VAL A 444 -22.13 17.82 -40.30
CA VAL A 444 -21.19 18.83 -40.79
C VAL A 444 -21.45 19.07 -42.26
N ASN A 445 -21.43 20.35 -42.66
CA ASN A 445 -21.54 20.75 -44.07
C ASN A 445 -22.85 20.30 -44.72
N ASP A 446 -23.89 20.18 -43.92
CA ASP A 446 -25.22 19.74 -44.39
C ASP A 446 -25.23 18.57 -45.40
N SER A 447 -24.29 17.63 -45.28
CA SER A 447 -24.30 16.45 -46.14
C SER A 447 -23.62 15.24 -45.55
N HIS A 448 -23.11 15.32 -44.31
CA HIS A 448 -22.31 14.24 -43.73
C HIS A 448 -22.48 14.26 -42.23
N ASN A 449 -22.89 13.12 -41.67
CA ASN A 449 -23.01 12.98 -40.23
C ASN A 449 -21.65 12.68 -39.61
N LEU A 450 -21.51 13.04 -38.33
CA LEU A 450 -20.22 12.90 -37.67
C LEU A 450 -19.83 11.44 -37.48
N LYS A 451 -20.80 10.54 -37.34
CA LYS A 451 -20.52 9.13 -37.14
C LYS A 451 -20.22 8.37 -38.43
N ASP A 452 -20.14 9.07 -39.56
CA ASP A 452 -19.64 8.51 -40.81
C ASP A 452 -18.34 9.17 -41.27
N ILE A 453 -18.02 10.35 -40.77
CA ILE A 453 -16.74 10.98 -41.06
C ILE A 453 -15.63 10.14 -40.44
N ASN A 454 -14.52 10.01 -41.16
CA ASN A 454 -13.41 9.20 -40.70
C ASN A 454 -12.69 9.90 -39.55
N LEU A 455 -12.63 9.24 -38.39
CA LEU A 455 -11.84 9.77 -37.29
C LEU A 455 -10.35 9.72 -37.61
N LYS A 456 -9.93 8.77 -38.45
CA LYS A 456 -8.54 8.72 -38.89
C LYS A 456 -8.16 9.97 -39.68
N TRP A 457 -9.14 10.59 -40.35
CA TRP A 457 -8.91 11.79 -41.14
C TRP A 457 -9.33 13.07 -40.43
N TRP A 458 -10.31 13.02 -39.54
CA TRP A 458 -10.84 14.24 -38.95
C TRP A 458 -9.81 14.93 -38.07
N ARG A 459 -9.09 14.15 -37.25
CA ARG A 459 -8.00 14.70 -36.44
C ARG A 459 -6.83 15.20 -37.26
N SER A 460 -6.75 14.89 -38.55
CA SER A 460 -5.66 15.31 -39.42
C SER A 460 -5.59 16.81 -39.64
N LYS A 461 -6.69 17.56 -39.35
CA LYS A 461 -6.78 18.98 -39.64
C LYS A 461 -7.30 19.75 -38.44
N ILE A 462 -6.75 19.46 -37.26
CA ILE A 462 -7.10 20.13 -36.02
C ILE A 462 -5.84 20.39 -35.24
N GLY A 463 -5.62 21.65 -34.85
CA GLY A 463 -4.50 22.05 -34.03
C GLY A 463 -4.92 22.58 -32.68
N VAL A 464 -4.58 21.83 -31.63
CA VAL A 464 -5.04 22.12 -30.28
C VAL A 464 -3.86 22.68 -29.50
N VAL A 465 -3.92 23.97 -29.19
CA VAL A 465 -2.98 24.63 -28.29
C VAL A 465 -3.60 24.60 -26.90
N SER A 466 -3.16 23.67 -26.06
CA SER A 466 -3.74 23.52 -24.73
C SER A 466 -3.17 24.60 -23.81
N GLN A 467 -3.49 24.50 -22.51
CA GLN A 467 -3.00 25.47 -21.55
C GLN A 467 -1.49 25.30 -21.34
N ASP A 468 -1.07 24.12 -20.90
CA ASP A 468 0.34 23.81 -20.69
C ASP A 468 0.93 23.17 -21.94
N PRO A 469 2.18 23.47 -22.33
CA PRO A 469 2.74 22.82 -23.51
C PRO A 469 3.15 21.40 -23.20
N LEU A 470 2.89 20.50 -24.15
CA LEU A 470 3.23 19.09 -24.04
C LEU A 470 4.41 18.83 -24.97
N LEU A 471 5.61 18.95 -24.43
CA LEU A 471 6.85 18.81 -25.18
C LEU A 471 7.55 17.54 -24.75
N PHE A 472 7.97 16.74 -25.72
CA PHE A 472 8.78 15.57 -25.42
C PHE A 472 10.22 15.99 -25.16
N SER A 473 11.03 15.04 -24.69
CA SER A 473 12.33 15.31 -24.10
C SER A 473 13.47 14.75 -24.93
N ASN A 474 13.42 14.95 -26.25
CA ASN A 474 14.49 14.55 -27.16
C ASN A 474 15.24 15.74 -27.76
N SER A 475 14.52 16.74 -28.23
CA SER A 475 15.13 17.92 -28.84
C SER A 475 14.06 18.98 -29.02
N ILE A 476 14.40 20.06 -29.72
CA ILE A 476 13.44 21.08 -30.11
C ILE A 476 13.01 20.91 -31.56
N LYS A 477 13.88 20.36 -32.40
CA LYS A 477 13.53 20.11 -33.78
C LYS A 477 12.59 18.92 -33.94
N ASN A 478 12.80 17.85 -33.17
CA ASN A 478 11.97 16.66 -33.31
C ASN A 478 10.56 16.86 -32.80
N ASN A 479 10.38 17.69 -31.76
CA ASN A 479 9.03 18.02 -31.31
C ASN A 479 8.22 18.67 -32.43
N ILE A 480 8.84 19.59 -33.17
CA ILE A 480 8.15 20.24 -34.27
C ILE A 480 7.99 19.26 -35.43
N LYS A 481 8.94 18.34 -35.61
CA LYS A 481 8.85 17.35 -36.67
C LYS A 481 8.00 16.14 -36.29
N TYR A 482 7.35 16.16 -35.13
CA TYR A 482 6.35 15.16 -34.78
C TYR A 482 4.97 15.46 -35.37
N SER A 483 4.85 16.50 -36.19
CA SER A 483 3.56 16.82 -36.80
C SER A 483 3.28 15.93 -38.00
N LEU A 484 4.26 15.80 -38.90
CA LEU A 484 4.05 15.17 -40.19
C LEU A 484 4.16 13.66 -40.15
N TYR A 485 4.53 13.05 -39.02
CA TYR A 485 4.61 11.59 -38.94
C TYR A 485 3.26 10.91 -39.10
N SER A 486 2.15 11.64 -39.00
CA SER A 486 0.82 11.09 -39.18
C SER A 486 0.24 11.33 -40.56
N LEU A 487 0.63 12.42 -41.22
CA LEU A 487 0.08 12.74 -42.53
C LEU A 487 0.77 11.98 -43.64
N LYS A 488 2.08 11.75 -43.52
CA LYS A 488 2.78 10.94 -44.51
C LYS A 488 2.23 9.51 -44.55
N ASP A 489 1.78 9.00 -43.42
CA ASP A 489 1.16 7.68 -43.37
C ASP A 489 -0.20 7.64 -44.04
N LEU A 490 -0.83 8.81 -44.27
CA LEU A 490 -2.06 8.89 -45.03
C LEU A 490 -1.82 9.10 -46.52
N GLU A 491 -0.65 8.72 -47.02
CA GLU A 491 -0.27 8.84 -48.42
C GLU A 491 0.17 7.52 -49.02
N ALA A 492 0.86 6.67 -48.25
CA ALA A 492 1.24 5.34 -48.71
C ALA A 492 0.11 4.33 -48.56
N MET A 493 -0.81 4.56 -47.63
CA MET A 493 -1.93 3.65 -47.46
C MET A 493 -2.85 3.68 -48.68
N GLU A 494 -3.22 4.88 -49.13
CA GLU A 494 -4.13 5.01 -50.25
C GLU A 494 -3.48 4.66 -51.59
N ASN A 495 -2.14 4.71 -51.66
CA ASN A 495 -1.44 4.38 -52.88
C ASN A 495 -1.63 2.90 -53.23
N LEU A 523 3.53 -1.42 -47.00
CA LEU A 523 3.87 -0.53 -45.90
C LEU A 523 5.24 0.09 -46.12
N GLU A 524 5.35 1.39 -45.80
CA GLU A 524 6.57 2.14 -46.05
C GLU A 524 6.92 3.09 -44.91
N MET A 525 6.56 2.74 -43.67
CA MET A 525 6.62 3.69 -42.56
C MET A 525 8.04 4.05 -42.14
N LYS A 526 9.06 3.30 -42.58
CA LYS A 526 10.42 3.56 -42.10
C LYS A 526 11.06 4.74 -42.81
N LYS A 527 11.16 4.68 -44.14
CA LYS A 527 11.98 5.61 -44.90
C LYS A 527 11.26 6.88 -45.31
N GLU A 528 9.93 6.85 -45.43
CA GLU A 528 9.18 8.01 -45.91
C GLU A 528 9.23 9.18 -44.94
N TYR A 529 9.55 8.95 -43.66
CA TYR A 529 9.68 10.03 -42.71
C TYR A 529 10.90 10.90 -42.98
N GLN A 530 11.84 10.43 -43.80
CA GLN A 530 12.92 11.28 -44.29
C GLN A 530 12.42 12.34 -45.28
N THR A 531 11.22 12.14 -45.85
CA THR A 531 10.66 13.13 -46.75
C THR A 531 10.45 14.48 -46.08
N ILE A 532 10.30 14.51 -44.76
CA ILE A 532 10.15 15.77 -44.02
C ILE A 532 11.46 16.53 -44.14
N LYS A 533 11.46 17.58 -44.96
CA LYS A 533 12.65 18.38 -45.11
C LYS A 533 12.79 19.35 -43.93
N ASP A 534 14.02 19.80 -43.71
CA ASP A 534 14.33 20.75 -42.65
C ASP A 534 14.25 22.19 -43.13
N SER A 535 13.47 22.46 -44.17
CA SER A 535 13.27 23.81 -44.70
C SER A 535 12.05 24.50 -44.13
N ASP A 536 10.94 23.77 -43.94
CA ASP A 536 9.74 24.38 -43.39
C ASP A 536 9.94 24.83 -41.95
N VAL A 537 10.81 24.14 -41.20
CA VAL A 537 11.13 24.56 -39.85
C VAL A 537 11.68 25.98 -39.84
N VAL A 538 12.44 26.35 -40.86
CA VAL A 538 13.08 27.67 -40.88
C VAL A 538 12.03 28.77 -40.91
N ASP A 539 11.18 28.79 -41.94
CA ASP A 539 10.23 29.87 -42.04
C ASP A 539 9.10 29.77 -41.02
N VAL A 540 8.70 28.57 -40.62
CA VAL A 540 7.69 28.48 -39.57
C VAL A 540 8.25 28.91 -38.23
N SER A 541 9.57 28.84 -38.04
CA SER A 541 10.21 29.45 -36.88
C SER A 541 10.30 30.96 -37.03
N LYS A 542 10.51 31.44 -38.25
CA LYS A 542 10.51 32.88 -38.49
C LYS A 542 9.16 33.50 -38.14
N LYS A 543 8.08 32.81 -38.49
CA LYS A 543 6.74 33.37 -38.27
C LYS A 543 6.42 33.56 -36.80
N VAL A 544 6.90 32.66 -35.94
CA VAL A 544 6.50 32.64 -34.54
C VAL A 544 7.46 33.45 -33.65
N LEU A 545 8.41 34.17 -34.24
CA LEU A 545 9.35 35.02 -33.49
C LEU A 545 10.15 34.19 -32.49
N ILE A 546 10.80 33.14 -33.02
CA ILE A 546 11.71 32.30 -32.24
C ILE A 546 13.04 32.07 -32.96
N HIS A 547 13.18 32.56 -34.20
CA HIS A 547 14.44 32.43 -34.93
C HIS A 547 15.59 33.17 -34.27
N ASP A 548 15.31 34.10 -33.34
CA ASP A 548 16.36 34.87 -32.70
C ASP A 548 17.00 34.10 -31.53
N PHE A 549 16.18 33.58 -30.62
CA PHE A 549 16.73 32.90 -29.45
C PHE A 549 17.34 31.55 -29.81
N VAL A 550 16.83 30.90 -30.86
CA VAL A 550 17.38 29.60 -31.25
C VAL A 550 18.84 29.75 -31.68
N SER A 551 19.22 30.91 -32.22
CA SER A 551 20.60 31.19 -32.55
C SER A 551 21.42 31.64 -31.36
N SER A 552 20.76 32.09 -30.29
CA SER A 552 21.48 32.67 -29.15
C SER A 552 22.31 31.63 -28.40
N LEU A 553 21.84 30.35 -28.37
CA LEU A 553 22.53 29.27 -27.69
C LEU A 553 23.20 28.35 -28.71
N PRO A 554 24.25 27.61 -28.32
CA PRO A 554 24.88 26.70 -29.28
C PRO A 554 24.01 25.49 -29.56
N ASP A 555 24.34 24.79 -30.65
CA ASP A 555 23.60 23.61 -31.09
C ASP A 555 22.11 23.97 -31.28
N LYS A 556 21.88 24.80 -32.29
CA LYS A 556 20.59 25.47 -32.49
C LYS A 556 19.43 24.48 -32.48
N TYR A 557 19.42 23.57 -33.44
CA TYR A 557 18.34 22.59 -33.56
C TYR A 557 18.68 21.27 -32.89
N ASP A 558 19.94 21.04 -32.52
CA ASP A 558 20.38 19.78 -31.94
C ASP A 558 20.35 19.78 -30.42
N THR A 559 20.20 20.94 -29.78
CA THR A 559 20.12 20.99 -28.34
C THR A 559 18.93 20.19 -27.83
N LEU A 560 19.11 19.55 -26.68
CA LEU A 560 18.09 18.69 -26.08
C LEU A 560 17.57 19.32 -24.81
N VAL A 561 16.25 19.23 -24.61
CA VAL A 561 15.59 19.72 -23.41
C VAL A 561 15.63 18.61 -22.37
N GLY A 562 15.34 18.96 -21.11
CA GLY A 562 15.46 18.03 -20.01
C GLY A 562 14.23 17.17 -19.82
N SER A 563 13.90 16.90 -18.56
CA SER A 563 12.77 16.04 -18.22
C SER A 563 11.48 16.80 -18.47
N ASN A 564 10.86 16.55 -19.63
CA ASN A 564 9.61 17.17 -20.02
C ASN A 564 9.75 18.69 -20.10
N ALA A 565 10.84 19.12 -20.77
CA ALA A 565 11.09 20.52 -21.08
C ALA A 565 11.14 21.38 -19.82
N SER A 566 12.16 21.10 -19.00
CA SER A 566 12.37 21.75 -17.72
C SER A 566 13.70 22.52 -17.69
N LYS A 567 14.08 23.11 -18.82
CA LYS A 567 15.28 23.93 -18.94
C LYS A 567 14.97 25.37 -19.31
N LEU A 568 14.22 25.59 -20.38
CA LEU A 568 14.04 26.91 -20.96
C LEU A 568 12.87 27.63 -20.29
N SER A 569 12.55 28.83 -20.78
CA SER A 569 11.45 29.62 -20.25
C SER A 569 10.12 29.11 -20.77
N GLY A 570 9.08 29.30 -19.97
CA GLY A 570 7.76 28.80 -20.33
C GLY A 570 7.20 29.45 -21.59
N GLY A 571 7.47 30.75 -21.76
CA GLY A 571 6.96 31.45 -22.92
C GLY A 571 7.50 30.89 -24.22
N GLN A 572 8.81 30.63 -24.28
CA GLN A 572 9.40 30.07 -25.49
C GLN A 572 8.94 28.65 -25.73
N LYS A 573 8.74 27.86 -24.68
CA LYS A 573 8.20 26.52 -24.85
C LYS A 573 6.79 26.58 -25.44
N GLN A 574 5.97 27.52 -24.97
CA GLN A 574 4.65 27.66 -25.55
C GLN A 574 4.71 28.16 -26.99
N ARG A 575 5.71 28.99 -27.31
CA ARG A 575 5.92 29.37 -28.70
C ARG A 575 6.23 28.15 -29.56
N ILE A 576 7.05 27.24 -29.03
CA ILE A 576 7.36 26.01 -29.78
C ILE A 576 6.11 25.16 -29.94
N SER A 577 5.27 25.10 -28.91
CA SER A 577 4.02 24.36 -29.03
C SER A 577 3.12 24.98 -30.10
N ILE A 578 3.05 26.30 -30.15
CA ILE A 578 2.26 26.98 -31.15
C ILE A 578 2.81 26.69 -32.55
N ALA A 579 4.13 26.70 -32.69
CA ALA A 579 4.73 26.39 -33.98
C ALA A 579 4.43 24.96 -34.39
N ARG A 580 4.48 24.03 -33.44
CA ARG A 580 4.08 22.66 -33.70
C ARG A 580 2.65 22.59 -34.19
N ALA A 581 1.77 23.38 -33.59
CA ALA A 581 0.39 23.42 -34.04
C ALA A 581 0.27 23.97 -35.45
N ILE A 582 1.09 24.96 -35.81
CA ILE A 582 0.85 25.72 -37.03
C ILE A 582 1.55 25.10 -38.25
N MET A 583 2.59 24.29 -38.03
CA MET A 583 3.40 23.79 -39.15
C MET A 583 2.57 22.99 -40.14
N ARG A 584 1.56 22.27 -39.66
CA ARG A 584 0.78 21.38 -40.50
C ARG A 584 -0.29 22.11 -41.31
N ASN A 585 -0.30 23.44 -41.32
CA ASN A 585 -1.38 24.23 -41.91
C ASN A 585 -2.71 23.78 -41.33
N PRO A 586 -2.90 23.89 -40.01
CA PRO A 586 -4.17 23.47 -39.42
C PRO A 586 -5.30 24.33 -39.93
N LYS A 587 -6.51 23.78 -39.83
CA LYS A 587 -7.70 24.46 -40.33
C LYS A 587 -8.67 24.83 -39.22
N ILE A 588 -9.02 23.90 -38.35
CA ILE A 588 -9.85 24.17 -37.17
C ILE A 588 -8.86 24.39 -36.03
N LEU A 589 -8.41 25.63 -35.88
CA LEU A 589 -7.39 25.97 -34.90
C LEU A 589 -8.07 26.30 -33.58
N ILE A 590 -7.93 25.40 -32.61
CA ILE A 590 -8.63 25.49 -31.33
C ILE A 590 -7.60 25.94 -30.29
N LEU A 591 -7.52 27.25 -30.08
CA LEU A 591 -6.69 27.79 -29.02
C LEU A 591 -7.43 27.72 -27.69
N ASP A 592 -6.67 27.50 -26.61
CA ASP A 592 -7.28 27.28 -25.30
C ASP A 592 -6.27 27.72 -24.23
N GLU A 593 -6.47 28.93 -23.71
CA GLU A 593 -5.70 29.43 -22.56
C GLU A 593 -4.20 29.44 -22.87
N ALA A 594 -3.85 30.08 -23.99
CA ALA A 594 -2.46 30.08 -24.42
C ALA A 594 -1.64 31.15 -23.69
N THR A 595 -2.27 32.26 -23.31
CA THR A 595 -1.58 33.41 -22.75
C THR A 595 -1.72 33.49 -21.24
N SER A 596 -1.67 32.35 -20.54
CA SER A 596 -1.77 32.36 -19.10
C SER A 596 -0.58 33.00 -18.41
N SER A 597 0.53 33.23 -19.12
CA SER A 597 1.74 33.80 -18.54
C SER A 597 2.25 35.01 -19.32
N LEU A 598 2.14 34.99 -20.64
CA LEU A 598 2.71 36.01 -21.50
C LEU A 598 1.70 37.14 -21.71
N ASP A 599 2.13 38.18 -22.43
CA ASP A 599 1.27 39.26 -22.86
C ASP A 599 0.61 38.89 -24.19
N ASN A 600 -0.24 39.79 -24.69
CA ASN A 600 -1.02 39.54 -25.88
C ASN A 600 -0.31 39.95 -27.17
N LYS A 601 0.94 40.40 -27.09
CA LYS A 601 1.66 40.82 -28.29
C LYS A 601 1.90 39.62 -29.22
N SER A 602 2.58 38.60 -28.71
CA SER A 602 2.84 37.40 -29.50
C SER A 602 1.54 36.75 -29.94
N GLU A 603 0.54 36.73 -29.07
CA GLU A 603 -0.73 36.12 -29.40
C GLU A 603 -1.40 36.84 -30.58
N TYR A 604 -1.42 38.18 -30.53
CA TYR A 604 -2.05 38.94 -31.60
C TYR A 604 -1.28 38.83 -32.91
N LEU A 605 0.06 38.85 -32.85
CA LEU A 605 0.83 38.68 -34.08
C LEU A 605 0.58 37.31 -34.69
N VAL A 606 0.55 36.28 -33.84
CA VAL A 606 0.30 34.93 -34.32
C VAL A 606 -1.10 34.84 -34.92
N GLN A 607 -2.09 35.46 -34.28
CA GLN A 607 -3.44 35.42 -34.82
C GLN A 607 -3.54 36.16 -36.15
N LYS A 608 -2.81 37.26 -36.29
CA LYS A 608 -2.72 37.94 -37.58
C LYS A 608 -2.14 37.01 -38.63
N THR A 609 -1.13 36.22 -38.26
CA THR A 609 -0.57 35.26 -39.19
C THR A 609 -1.60 34.18 -39.54
N ILE A 610 -2.40 33.77 -38.57
CA ILE A 610 -3.37 32.70 -38.80
C ILE A 610 -4.46 33.17 -39.75
N ASN A 611 -5.21 34.21 -39.37
CA ASN A 611 -6.34 34.63 -40.19
C ASN A 611 -5.91 35.17 -41.55
N ASN A 612 -4.62 35.46 -41.76
CA ASN A 612 -4.08 35.79 -43.07
C ASN A 612 -3.41 34.59 -43.73
N LEU A 613 -3.36 33.44 -43.04
CA LEU A 613 -2.78 32.24 -43.64
C LEU A 613 -3.61 31.78 -44.83
N LYS A 614 -2.95 31.11 -45.77
CA LYS A 614 -3.65 30.53 -46.91
C LYS A 614 -4.71 29.54 -46.42
N GLY A 615 -5.93 29.73 -46.87
CA GLY A 615 -7.07 28.97 -46.42
C GLY A 615 -7.97 29.68 -45.44
N ASN A 616 -7.80 30.99 -45.24
CA ASN A 616 -8.65 31.74 -44.33
C ASN A 616 -10.05 31.97 -44.89
N GLU A 617 -10.28 31.70 -46.17
CA GLU A 617 -11.61 31.88 -46.75
C GLU A 617 -12.65 30.98 -46.09
N ASN A 618 -12.25 29.78 -45.67
CA ASN A 618 -13.15 28.83 -45.03
C ASN A 618 -12.40 28.10 -43.91
N ARG A 619 -12.38 28.71 -42.72
CA ARG A 619 -11.78 28.07 -41.56
C ARG A 619 -12.50 28.57 -40.31
N ILE A 620 -12.28 27.85 -39.20
CA ILE A 620 -13.04 28.03 -37.97
C ILE A 620 -12.03 28.02 -36.82
N THR A 621 -11.61 29.20 -36.36
CA THR A 621 -10.79 29.31 -35.17
C THR A 621 -11.68 29.52 -33.95
N ILE A 622 -11.26 28.96 -32.82
CA ILE A 622 -12.01 29.02 -31.57
C ILE A 622 -11.04 29.39 -30.46
N ILE A 623 -11.48 30.27 -29.56
CA ILE A 623 -10.70 30.68 -28.41
C ILE A 623 -11.53 30.42 -27.16
N ILE A 624 -10.88 29.94 -26.10
CA ILE A 624 -11.49 29.79 -24.79
C ILE A 624 -10.52 30.40 -23.78
N ALA A 625 -10.84 31.60 -23.31
CA ALA A 625 -9.96 32.34 -22.42
C ALA A 625 -10.82 33.06 -21.38
N HIS A 626 -10.15 33.79 -20.49
CA HIS A 626 -10.78 34.49 -19.39
C HIS A 626 -10.81 36.00 -19.58
N ARG A 627 -9.65 36.63 -19.82
CA ARG A 627 -9.62 38.06 -20.00
C ARG A 627 -10.30 38.45 -21.30
N LEU A 628 -11.02 39.57 -21.28
CA LEU A 628 -11.83 40.01 -22.40
C LEU A 628 -11.03 40.79 -23.45
N SER A 629 -9.74 41.05 -23.21
CA SER A 629 -8.97 41.85 -24.15
C SER A 629 -8.64 41.07 -25.41
N THR A 630 -8.42 39.77 -25.30
CA THR A 630 -8.13 38.95 -26.48
C THR A 630 -9.31 38.87 -27.43
N ILE A 631 -10.52 39.09 -26.92
CA ILE A 631 -11.74 38.99 -27.72
C ILE A 631 -12.32 40.37 -27.97
N ARG A 632 -11.44 41.38 -28.03
CA ARG A 632 -11.88 42.73 -28.33
C ARG A 632 -12.56 42.81 -29.70
N TYR A 633 -12.19 41.93 -30.62
CA TYR A 633 -12.81 41.82 -31.93
C TYR A 633 -13.23 40.37 -32.16
N ALA A 634 -14.36 40.19 -32.84
CA ALA A 634 -14.86 38.86 -33.13
C ALA A 634 -16.04 38.98 -34.09
N ASN A 635 -16.47 37.83 -34.61
CA ASN A 635 -17.66 37.73 -35.44
C ASN A 635 -18.88 37.22 -34.68
N THR A 636 -18.67 36.48 -33.60
CA THR A 636 -19.76 36.01 -32.76
C THR A 636 -19.17 35.58 -31.42
N ILE A 637 -19.90 35.83 -30.35
CA ILE A 637 -19.46 35.54 -28.99
C ILE A 637 -20.61 34.84 -28.27
N PHE A 638 -20.46 33.55 -28.02
CA PHE A 638 -21.48 32.74 -27.33
C PHE A 638 -21.13 32.70 -25.84
N VAL A 639 -21.95 33.39 -25.04
CA VAL A 639 -21.85 33.30 -23.59
C VAL A 639 -23.06 32.56 -23.06
N LEU A 640 -22.82 31.56 -22.20
CA LEU A 640 -23.83 30.64 -21.73
C LEU A 640 -23.86 30.62 -20.21
N SER A 641 -24.94 30.05 -19.67
CA SER A 641 -25.09 29.90 -18.23
C SER A 641 -26.20 28.91 -17.96
N ASN A 642 -26.03 28.10 -16.92
CA ASN A 642 -27.00 27.08 -16.54
C ASN A 642 -28.02 27.57 -15.52
N ARG A 643 -28.17 28.88 -15.37
CA ARG A 643 -29.10 29.46 -14.39
C ARG A 643 -30.37 29.96 -15.07
N ASN A 670 -28.58 24.87 -13.63
CA ASN A 670 -28.46 23.86 -12.59
C ASN A 670 -28.65 22.47 -13.18
N GLU A 671 -29.87 22.15 -13.57
CA GLU A 671 -30.19 20.87 -14.20
C GLU A 671 -29.97 20.90 -15.71
N GLY A 672 -29.45 21.99 -16.26
CA GLY A 672 -29.26 22.10 -17.69
C GLY A 672 -28.60 23.41 -18.09
N SER A 673 -27.91 23.40 -19.22
CA SER A 673 -27.15 24.55 -19.69
C SER A 673 -27.71 25.03 -21.03
N TYR A 674 -27.50 26.32 -21.31
CA TYR A 674 -28.00 26.93 -22.53
C TYR A 674 -27.31 28.28 -22.71
N ILE A 675 -27.42 28.81 -23.92
CA ILE A 675 -26.77 30.06 -24.31
C ILE A 675 -27.65 31.21 -23.85
N ILE A 676 -27.03 32.22 -23.24
CA ILE A 676 -27.75 33.38 -22.72
C ILE A 676 -27.51 34.63 -23.56
N GLU A 677 -26.33 34.78 -24.14
CA GLU A 677 -25.97 36.00 -24.86
C GLU A 677 -25.19 35.64 -26.12
N GLN A 678 -25.57 36.27 -27.23
CA GLN A 678 -24.98 36.06 -28.54
C GLN A 678 -24.64 37.43 -29.14
N GLY A 679 -24.22 37.42 -30.40
CA GLY A 679 -23.94 38.64 -31.12
C GLY A 679 -22.54 39.17 -30.89
N THR A 680 -22.18 40.15 -31.71
CA THR A 680 -20.84 40.72 -31.68
C THR A 680 -20.66 41.59 -30.44
N HIS A 681 -19.49 42.21 -30.33
CA HIS A 681 -19.20 43.08 -29.20
C HIS A 681 -19.93 44.41 -29.31
N ASP A 682 -20.04 44.94 -30.54
CA ASP A 682 -20.68 46.24 -30.73
C ASP A 682 -22.15 46.20 -30.36
N SER A 683 -22.85 45.13 -30.72
CA SER A 683 -24.29 45.02 -30.51
C SER A 683 -24.65 44.35 -29.18
N LEU A 684 -23.69 44.21 -28.26
CA LEU A 684 -23.92 43.51 -27.01
C LEU A 684 -23.44 44.31 -25.81
N MET A 685 -22.40 45.11 -25.98
CA MET A 685 -21.82 45.85 -24.86
C MET A 685 -22.71 47.00 -24.40
N LYS A 686 -23.64 47.46 -25.24
CA LYS A 686 -24.54 48.55 -24.90
C LYS A 686 -26.01 48.18 -24.93
N ASN A 687 -26.40 47.13 -25.66
CA ASN A 687 -27.81 46.81 -25.82
C ASN A 687 -28.44 46.36 -24.51
N LYS A 688 -27.94 45.28 -23.93
CA LYS A 688 -28.48 44.71 -22.70
C LYS A 688 -27.49 44.95 -21.56
N ASN A 689 -28.04 45.30 -20.39
CA ASN A 689 -27.26 45.41 -19.16
C ASN A 689 -27.30 44.09 -18.40
N GLY A 690 -26.89 43.04 -19.10
CA GLY A 690 -26.91 41.69 -18.59
C GLY A 690 -25.60 41.27 -17.96
N ILE A 691 -25.27 40.00 -18.11
CA ILE A 691 -24.07 39.46 -17.49
C ILE A 691 -22.84 39.95 -18.23
N TYR A 692 -22.88 39.94 -19.56
CA TYR A 692 -21.73 40.40 -20.33
C TYR A 692 -21.45 41.88 -20.07
N HIS A 693 -22.49 42.67 -19.79
CA HIS A 693 -22.28 44.05 -19.38
C HIS A 693 -21.47 44.10 -18.09
N LEU A 694 -21.80 43.26 -17.12
CA LEU A 694 -21.06 43.23 -15.87
C LEU A 694 -19.62 42.78 -16.10
N MET A 695 -19.42 41.83 -17.01
CA MET A 695 -18.07 41.34 -17.28
C MET A 695 -17.21 42.40 -17.96
N ILE A 696 -17.75 43.07 -18.99
CA ILE A 696 -16.99 44.11 -19.67
C ILE A 696 -16.82 45.33 -18.78
N ASN A 697 -17.70 45.53 -17.80
CA ASN A 697 -17.52 46.62 -16.85
C ASN A 697 -16.45 46.30 -15.82
N ASN A 698 -16.35 45.03 -15.40
CA ASN A 698 -15.43 44.66 -14.33
C ASN A 698 -14.01 44.49 -14.86
N GLN A 699 -13.82 43.62 -15.85
CA GLN A 699 -12.49 43.24 -16.32
C GLN A 699 -12.01 44.14 -17.45
N LYS A 700 -12.73 44.19 -18.57
CA LYS A 700 -12.31 44.90 -19.77
C LYS A 700 -10.93 44.42 -20.21
N ALA A 776 22.53 3.82 21.14
CA ALA A 776 22.32 2.72 20.20
C ALA A 776 22.40 1.34 20.87
N PRO A 777 23.50 1.05 21.60
CA PRO A 777 23.54 -0.24 22.32
C PRO A 777 22.71 -0.23 23.58
N ASN A 778 22.56 0.96 24.19
CA ASN A 778 21.70 1.10 25.37
C ASN A 778 20.28 0.66 25.05
N ASN A 779 19.79 1.07 23.88
CA ASN A 779 18.37 0.96 23.55
C ASN A 779 17.91 -0.49 23.57
N LEU A 780 18.78 -1.42 23.19
CA LEU A 780 18.42 -2.83 23.15
C LEU A 780 18.73 -3.56 24.46
N ARG A 781 19.74 -3.11 25.21
CA ARG A 781 19.92 -3.74 26.52
C ARG A 781 18.77 -3.40 27.45
N ILE A 782 18.03 -2.32 27.19
CA ILE A 782 16.73 -2.15 27.84
C ILE A 782 15.86 -3.39 27.62
N ILE A 783 15.72 -3.80 26.36
CA ILE A 783 14.89 -4.96 26.04
C ILE A 783 15.44 -6.22 26.69
N TYR A 784 16.75 -6.40 26.66
CA TYR A 784 17.31 -7.63 27.22
C TYR A 784 17.16 -7.65 28.74
N LYS A 785 17.29 -6.50 29.39
CA LYS A 785 17.00 -6.40 30.81
C LYS A 785 15.55 -6.76 31.10
N GLU A 786 14.63 -6.37 30.23
CA GLU A 786 13.23 -6.77 30.43
C GLU A 786 13.06 -8.28 30.24
N ILE A 787 13.79 -8.87 29.30
CA ILE A 787 13.59 -10.28 28.99
C ILE A 787 14.20 -11.17 30.08
N PHE A 788 15.31 -10.74 30.70
CA PHE A 788 16.01 -11.55 31.69
C PHE A 788 15.46 -11.36 33.10
N SER A 789 14.16 -11.06 33.24
CA SER A 789 13.51 -10.91 34.53
C SER A 789 12.46 -11.99 34.79
N TYR A 790 12.17 -12.85 33.81
CA TYR A 790 11.21 -13.94 33.96
C TYR A 790 12.00 -15.22 34.23
N LYS A 791 12.43 -15.37 35.49
CA LYS A 791 13.38 -16.41 35.83
C LYS A 791 12.79 -17.82 35.73
N LYS A 792 11.47 -17.97 35.66
CA LYS A 792 10.84 -19.28 35.55
C LYS A 792 10.68 -19.73 34.10
N ASP A 793 10.19 -18.85 33.22
CA ASP A 793 9.93 -19.20 31.84
C ASP A 793 11.17 -19.13 30.96
N VAL A 794 12.35 -18.95 31.54
CA VAL A 794 13.61 -18.86 30.81
C VAL A 794 14.41 -20.14 30.94
N THR A 795 14.47 -20.71 32.15
CA THR A 795 15.24 -21.93 32.37
C THR A 795 14.64 -23.11 31.62
N ILE A 796 13.32 -23.14 31.51
CA ILE A 796 12.65 -24.25 30.84
C ILE A 796 13.06 -24.32 29.38
N ILE A 797 13.14 -23.18 28.72
CA ILE A 797 13.55 -23.15 27.32
C ILE A 797 14.99 -23.64 27.19
N PHE A 798 15.84 -23.29 28.17
CA PHE A 798 17.22 -23.73 28.15
C PHE A 798 17.32 -25.24 28.25
N PHE A 799 16.61 -25.84 29.22
CA PHE A 799 16.64 -27.29 29.35
C PHE A 799 16.08 -27.98 28.12
N SER A 800 15.00 -27.45 27.55
CA SER A 800 14.44 -28.08 26.35
C SER A 800 15.41 -28.00 25.19
N ILE A 801 16.11 -26.88 25.05
CA ILE A 801 17.11 -26.74 23.99
C ILE A 801 18.21 -27.76 24.17
N LEU A 802 18.74 -27.89 25.39
CA LEU A 802 19.80 -28.86 25.63
C LEU A 802 19.33 -30.28 25.33
N VAL A 803 18.14 -30.64 25.81
CA VAL A 803 17.62 -31.98 25.58
C VAL A 803 17.48 -32.27 24.09
N ALA A 804 16.85 -31.36 23.34
CA ALA A 804 16.65 -31.61 21.92
C ALA A 804 17.99 -31.71 21.18
N GLY A 805 18.86 -30.72 21.36
CA GLY A 805 20.15 -30.73 20.69
C GLY A 805 21.03 -31.89 21.07
N GLY A 806 20.84 -32.45 22.26
CA GLY A 806 21.67 -33.55 22.71
C GLY A 806 21.13 -34.92 22.33
N LEU A 807 19.82 -35.05 22.18
CA LEU A 807 19.19 -36.33 21.90
C LEU A 807 18.75 -36.49 20.46
N TYR A 808 18.89 -35.46 19.62
CA TYR A 808 18.67 -35.72 18.19
C TYR A 808 19.87 -36.41 17.54
N PRO A 809 21.14 -35.98 17.79
CA PRO A 809 22.26 -36.65 17.12
C PRO A 809 22.40 -38.12 17.48
N VAL A 810 21.94 -38.50 18.67
CA VAL A 810 22.07 -39.87 19.12
C VAL A 810 21.31 -40.85 18.25
N PHE A 811 20.24 -40.39 17.60
CA PHE A 811 19.51 -41.25 16.67
C PHE A 811 20.40 -41.73 15.53
N ALA A 812 21.37 -40.90 15.13
CA ALA A 812 22.27 -41.28 14.04
C ALA A 812 23.13 -42.47 14.42
N LEU A 813 23.89 -42.35 15.52
CA LEU A 813 24.76 -43.43 15.97
C LEU A 813 24.00 -44.47 16.79
N LEU A 814 22.68 -44.43 16.77
CA LEU A 814 21.85 -45.58 17.15
C LEU A 814 21.40 -46.36 15.92
N TYR A 815 20.97 -45.65 14.88
CA TYR A 815 20.75 -46.25 13.56
C TYR A 815 22.00 -46.99 13.09
N ALA A 816 23.18 -46.38 13.29
CA ALA A 816 24.43 -47.01 12.89
C ALA A 816 24.68 -48.31 13.63
N ARG A 817 24.57 -48.29 14.95
CA ARG A 817 24.73 -49.52 15.74
C ARG A 817 23.70 -50.56 15.36
N TYR A 818 22.50 -50.13 14.98
CA TYR A 818 21.48 -51.07 14.56
C TYR A 818 21.82 -51.74 13.23
N VAL A 819 22.46 -51.02 12.32
CA VAL A 819 22.83 -51.62 11.03
C VAL A 819 23.79 -52.77 11.24
N SER A 820 24.87 -52.53 12.01
CA SER A 820 25.93 -53.52 12.14
C SER A 820 25.46 -54.79 12.84
N THR A 821 24.47 -54.70 13.71
CA THR A 821 23.91 -55.85 14.40
C THR A 821 22.73 -56.46 13.66
N LEU A 822 22.64 -56.23 12.35
CA LEU A 822 21.58 -56.78 11.52
C LEU A 822 22.12 -57.77 10.50
N PHE A 823 23.44 -57.84 10.34
CA PHE A 823 24.11 -58.77 9.43
C PHE A 823 24.82 -59.86 10.23
N ASP A 824 24.17 -60.28 11.32
CA ASP A 824 24.70 -61.32 12.20
C ASP A 824 23.50 -62.08 12.72
N PHE A 825 23.25 -63.27 12.14
CA PHE A 825 22.05 -64.03 12.47
C PHE A 825 22.00 -64.39 13.95
N ALA A 826 23.16 -64.55 14.58
CA ALA A 826 23.20 -64.75 16.02
C ALA A 826 22.67 -63.51 16.74
N ASN A 827 22.14 -63.75 17.95
CA ASN A 827 21.64 -62.75 18.91
C ASN A 827 21.00 -61.54 18.26
N LEU A 828 20.10 -61.79 17.32
CA LEU A 828 19.43 -60.74 16.57
C LEU A 828 18.11 -60.32 17.22
N GLU A 829 17.46 -61.21 17.94
CA GLU A 829 16.19 -60.89 18.59
C GLU A 829 16.39 -59.94 19.76
N TYR A 830 17.31 -60.29 20.66
CA TYR A 830 17.56 -59.48 21.85
C TYR A 830 18.00 -58.08 21.48
N ASN A 831 18.85 -57.96 20.46
CA ASN A 831 19.33 -56.65 20.07
C ASN A 831 18.21 -55.77 19.55
N SER A 832 17.28 -56.32 18.76
CA SER A 832 16.15 -55.53 18.29
C SER A 832 15.28 -55.10 19.47
N ASN A 833 15.00 -56.04 20.39
CA ASN A 833 14.23 -55.70 21.58
C ASN A 833 14.88 -54.57 22.37
N LYS A 834 16.21 -54.51 22.36
CA LYS A 834 16.92 -53.53 23.18
C LYS A 834 17.08 -52.19 22.46
N TYR A 835 17.10 -52.18 21.13
CA TYR A 835 17.35 -50.95 20.38
C TYR A 835 16.10 -50.27 19.85
N SER A 836 14.94 -50.93 19.87
CA SER A 836 13.70 -50.25 19.47
C SER A 836 13.08 -49.44 20.61
N ILE A 837 13.12 -49.99 21.83
CA ILE A 837 12.61 -49.30 23.00
C ILE A 837 13.31 -47.96 23.21
N TYR A 838 14.62 -47.92 22.95
CA TYR A 838 15.35 -46.67 23.12
C TYR A 838 14.87 -45.61 22.15
N ILE A 839 14.59 -46.02 20.91
CA ILE A 839 14.01 -45.10 19.94
C ILE A 839 12.66 -44.59 20.42
N LEU A 840 11.83 -45.46 20.99
CA LEU A 840 10.53 -45.01 21.50
C LEU A 840 10.70 -43.95 22.59
N LEU A 841 11.59 -44.21 23.55
CA LEU A 841 11.83 -43.23 24.61
C LEU A 841 12.36 -41.91 24.05
N ILE A 842 13.24 -41.98 23.06
CA ILE A 842 13.77 -40.76 22.45
C ILE A 842 12.65 -39.97 21.80
N ALA A 843 11.72 -40.65 21.13
CA ALA A 843 10.59 -39.95 20.52
C ALA A 843 9.73 -39.28 21.57
N ILE A 844 9.43 -39.99 22.66
CA ILE A 844 8.59 -39.44 23.71
C ILE A 844 9.24 -38.20 24.32
N ALA A 845 10.56 -38.22 24.49
CA ALA A 845 11.22 -37.03 25.02
C ALA A 845 11.23 -35.88 24.02
N MET A 846 11.43 -36.18 22.74
CA MET A 846 11.48 -35.14 21.73
C MET A 846 10.14 -34.42 21.60
N PHE A 847 9.05 -35.18 21.72
CA PHE A 847 7.71 -34.60 21.71
C PHE A 847 7.58 -33.49 22.75
N ILE A 848 7.80 -33.85 24.01
CA ILE A 848 7.67 -32.89 25.12
C ILE A 848 8.64 -31.74 24.94
N SER A 849 9.86 -32.02 24.48
CA SER A 849 10.85 -30.96 24.34
C SER A 849 10.42 -29.91 23.33
N GLU A 850 10.04 -30.33 22.12
CA GLU A 850 9.59 -29.38 21.12
C GLU A 850 8.33 -28.64 21.57
N THR A 851 7.40 -29.37 22.21
CA THR A 851 6.17 -28.74 22.67
C THR A 851 6.44 -27.62 23.66
N LEU A 852 7.21 -27.90 24.71
CA LEU A 852 7.51 -26.89 25.71
C LEU A 852 8.56 -25.89 25.25
N LYS A 853 9.14 -26.07 24.06
CA LYS A 853 10.03 -25.04 23.51
C LYS A 853 9.26 -24.03 22.68
N ASN A 854 8.47 -24.49 21.71
CA ASN A 854 7.85 -23.56 20.78
C ASN A 854 6.64 -22.82 21.35
N TYR A 855 6.32 -22.99 22.64
CA TYR A 855 5.19 -22.31 23.26
C TYR A 855 5.62 -21.14 24.15
N TYR A 856 6.69 -21.30 24.92
CA TYR A 856 7.12 -20.22 25.80
C TYR A 856 7.87 -19.11 25.05
N ASN A 857 8.33 -19.40 23.84
CA ASN A 857 8.81 -18.35 22.94
C ASN A 857 7.78 -17.25 22.79
N ASN A 858 6.56 -17.62 22.40
CA ASN A 858 5.50 -16.65 22.21
C ASN A 858 5.01 -16.08 23.52
N LYS A 859 5.05 -16.87 24.59
CA LYS A 859 4.66 -16.37 25.90
C LYS A 859 5.58 -15.24 26.36
N ILE A 860 6.87 -15.33 26.04
CA ILE A 860 7.78 -14.23 26.34
C ILE A 860 7.56 -13.09 25.35
N GLY A 861 7.24 -13.42 24.10
CA GLY A 861 7.06 -12.39 23.11
C GLY A 861 5.89 -11.47 23.39
N GLU A 862 4.80 -12.00 23.93
CA GLU A 862 3.60 -11.20 24.17
C GLU A 862 3.82 -10.11 25.21
N LYS A 863 4.46 -10.44 26.32
CA LYS A 863 4.56 -9.51 27.43
C LYS A 863 5.44 -8.31 27.11
N VAL A 864 6.48 -8.50 26.30
CA VAL A 864 7.30 -7.38 25.88
C VAL A 864 6.48 -6.39 25.05
N GLU A 865 5.67 -6.91 24.12
CA GLU A 865 4.74 -6.06 23.39
C GLU A 865 3.87 -5.27 24.35
N LYS A 866 3.05 -5.98 25.12
CA LYS A 866 2.03 -5.30 25.90
C LYS A 866 2.58 -4.60 27.14
N THR A 867 3.91 -4.52 27.32
CA THR A 867 4.49 -3.56 28.24
C THR A 867 5.28 -2.46 27.54
N MET A 868 5.43 -2.52 26.20
CA MET A 868 5.93 -1.37 25.45
C MET A 868 4.80 -0.50 24.89
N LYS A 869 3.73 -1.13 24.38
CA LYS A 869 2.58 -0.38 23.90
C LYS A 869 2.00 0.50 24.99
N ARG A 870 1.86 -0.05 26.19
CA ARG A 870 1.31 0.71 27.32
C ARG A 870 2.14 1.97 27.57
N ARG A 871 3.46 1.84 27.55
CA ARG A 871 4.31 3.00 27.81
C ARG A 871 4.18 4.02 26.70
N LEU A 872 4.21 3.58 25.43
CA LEU A 872 4.03 4.52 24.33
C LEU A 872 2.74 5.32 24.46
N PHE A 873 1.63 4.63 24.63
CA PHE A 873 0.34 5.31 24.65
C PHE A 873 0.23 6.21 25.89
N GLU A 874 0.62 5.69 27.05
CA GLU A 874 0.51 6.43 28.29
C GLU A 874 1.49 7.60 28.37
N ASN A 875 2.49 7.66 27.51
CA ASN A 875 3.38 8.83 27.44
C ASN A 875 3.16 9.66 26.19
N ILE A 876 2.25 9.23 25.30
CA ILE A 876 1.77 10.11 24.24
C ILE A 876 0.58 10.92 24.70
N LEU A 877 -0.27 10.38 25.58
CA LEU A 877 -1.45 11.14 25.99
C LEU A 877 -1.08 12.38 26.78
N TYR A 878 -0.19 12.23 27.76
CA TYR A 878 0.12 13.31 28.70
C TYR A 878 1.09 14.35 28.15
N GLN A 879 1.37 14.35 26.85
CA GLN A 879 2.23 15.37 26.27
C GLN A 879 1.45 16.68 26.11
N GLU A 880 2.15 17.69 25.62
CA GLU A 880 1.58 19.01 25.40
C GLU A 880 1.04 19.08 23.96
N MET A 881 0.60 20.28 23.55
CA MET A 881 -0.07 20.44 22.27
C MET A 881 0.87 20.80 21.13
N SER A 882 1.99 21.46 21.44
CA SER A 882 3.00 21.72 20.41
C SER A 882 3.52 20.44 19.79
N PHE A 883 3.55 19.35 20.54
CA PHE A 883 3.91 18.05 19.98
C PHE A 883 3.01 17.68 18.82
N PHE A 884 1.71 17.95 18.95
CA PHE A 884 0.73 17.51 17.97
C PHE A 884 0.54 18.50 16.83
N ASP A 885 1.13 19.70 16.93
CA ASP A 885 0.97 20.73 15.92
C ASP A 885 2.14 20.76 14.94
N GLN A 886 3.00 19.73 14.95
CA GLN A 886 4.14 19.67 14.05
C GLN A 886 3.77 18.83 12.82
N ASP A 887 4.71 18.74 11.87
CA ASP A 887 4.43 18.10 10.60
C ASP A 887 4.62 16.59 10.65
N LYS A 888 5.68 16.13 11.33
CA LYS A 888 5.96 14.70 11.42
C LYS A 888 5.29 14.04 12.62
N ASN A 889 4.44 14.76 13.35
CA ASN A 889 3.67 14.22 14.47
C ASN A 889 2.21 14.22 14.04
N THR A 890 1.81 13.15 13.36
CA THR A 890 0.47 12.98 12.81
C THR A 890 -0.17 11.72 13.38
N PRO A 891 -1.50 11.66 13.54
CA PRO A 891 -2.11 10.41 14.04
C PRO A 891 -1.87 9.21 13.15
N GLY A 892 -1.86 9.40 11.83
CA GLY A 892 -1.70 8.27 10.93
C GLY A 892 -0.37 7.55 11.10
N VAL A 893 0.71 8.32 11.28
CA VAL A 893 2.02 7.71 11.47
C VAL A 893 2.20 7.16 12.88
N LEU A 894 1.59 7.77 13.88
CA LEU A 894 1.70 7.27 15.24
C LEU A 894 0.88 6.02 15.50
N SER A 895 -0.24 5.85 14.81
CA SER A 895 -1.01 4.62 14.89
C SER A 895 -0.43 3.51 14.00
N ALA A 896 0.67 3.78 13.29
CA ALA A 896 1.28 2.75 12.46
C ALA A 896 2.45 2.09 13.17
N HIS A 897 3.16 2.86 14.00
CA HIS A 897 4.21 2.28 14.83
C HIS A 897 3.64 1.21 15.76
N ILE A 898 2.76 1.64 16.68
CA ILE A 898 2.36 0.90 17.88
C ILE A 898 2.03 -0.55 17.59
N ASN A 899 1.38 -0.83 16.46
CA ASN A 899 1.01 -2.18 16.10
C ASN A 899 2.14 -2.91 15.38
N ARG A 900 2.56 -2.35 14.24
CA ARG A 900 3.46 -3.06 13.33
C ARG A 900 4.82 -3.29 13.97
N ASP A 901 5.49 -2.23 14.41
CA ASP A 901 6.86 -2.40 14.84
C ASP A 901 6.98 -3.15 16.17
N VAL A 902 5.96 -3.07 17.01
CA VAL A 902 5.97 -3.84 18.25
C VAL A 902 5.71 -5.32 17.95
N HIS A 903 4.85 -5.61 16.97
CA HIS A 903 4.72 -6.99 16.54
C HIS A 903 6.03 -7.51 15.97
N LEU A 904 6.80 -6.65 15.31
CA LEU A 904 8.11 -7.06 14.81
C LEU A 904 9.08 -7.30 15.96
N LEU A 905 8.99 -6.52 17.03
CA LEU A 905 9.82 -6.82 18.21
C LEU A 905 9.45 -8.17 18.81
N LYS A 906 8.17 -8.54 18.75
CA LYS A 906 7.82 -9.90 19.16
C LYS A 906 8.50 -10.92 18.26
N THR A 907 8.28 -10.82 16.95
CA THR A 907 8.75 -11.87 16.06
C THR A 907 10.27 -11.93 15.98
N GLY A 908 10.90 -10.88 15.44
CA GLY A 908 12.29 -10.92 15.05
C GLY A 908 13.30 -11.31 16.12
N LEU A 909 13.46 -10.44 17.13
CA LEU A 909 14.47 -10.63 18.16
C LEU A 909 14.36 -11.99 18.82
N VAL A 910 13.22 -12.24 19.45
CA VAL A 910 13.08 -13.37 20.36
C VAL A 910 12.54 -14.59 19.61
N ASN A 911 12.51 -14.53 18.26
CA ASN A 911 12.51 -15.76 17.49
C ASN A 911 13.91 -16.12 17.03
N ASN A 912 14.70 -15.15 16.61
CA ASN A 912 16.00 -15.45 16.04
C ASN A 912 17.08 -15.68 17.07
N ILE A 913 16.84 -15.34 18.34
CA ILE A 913 17.79 -15.74 19.37
C ILE A 913 17.74 -17.25 19.60
N VAL A 914 16.54 -17.80 19.71
CA VAL A 914 16.37 -19.22 20.01
C VAL A 914 16.95 -20.08 18.89
N ILE A 915 16.77 -19.66 17.63
CA ILE A 915 17.29 -20.42 16.50
C ILE A 915 18.80 -20.48 16.55
N PHE A 916 19.46 -19.35 16.82
CA PHE A 916 20.91 -19.35 16.90
C PHE A 916 21.39 -20.25 18.02
N SER A 917 20.72 -20.21 19.17
CA SER A 917 21.12 -21.06 20.29
C SER A 917 21.02 -22.53 19.93
N HIS A 918 19.88 -22.94 19.36
CA HIS A 918 19.67 -24.34 19.00
C HIS A 918 20.66 -24.80 17.94
N PHE A 919 20.89 -23.97 16.92
CA PHE A 919 21.86 -24.29 15.88
C PHE A 919 23.25 -24.51 16.46
N ILE A 920 23.71 -23.59 17.31
CA ILE A 920 25.04 -23.72 17.87
C ILE A 920 25.14 -24.96 18.74
N MET A 921 24.08 -25.28 19.49
CA MET A 921 24.11 -26.46 20.33
C MET A 921 24.22 -27.73 19.49
N LEU A 922 23.56 -27.78 18.34
CA LEU A 922 23.74 -28.92 17.44
C LEU A 922 25.17 -28.96 16.90
N PHE A 923 25.65 -27.82 16.40
CA PHE A 923 26.89 -27.78 15.65
C PHE A 923 28.11 -28.07 16.53
N LEU A 924 28.04 -27.77 17.82
CA LEU A 924 29.16 -28.10 18.69
C LEU A 924 29.24 -29.60 18.93
N VAL A 925 28.15 -30.21 19.41
CA VAL A 925 28.20 -31.61 19.80
C VAL A 925 28.42 -32.51 18.60
N SER A 926 27.83 -32.18 17.44
CA SER A 926 28.02 -33.02 16.26
C SER A 926 29.47 -33.00 15.81
N MET A 927 30.05 -31.81 15.71
CA MET A 927 31.44 -31.68 15.29
C MET A 927 32.37 -32.33 16.30
N VAL A 928 31.99 -32.32 17.57
CA VAL A 928 32.84 -32.95 18.59
C VAL A 928 32.82 -34.46 18.44
N MET A 929 31.65 -35.08 18.60
CA MET A 929 31.59 -36.54 18.59
C MET A 929 31.48 -37.11 17.18
N SER A 930 31.82 -36.33 16.16
CA SER A 930 32.12 -36.86 14.83
C SER A 930 33.61 -36.77 14.49
N PHE A 931 34.32 -35.81 15.08
CA PHE A 931 35.76 -35.68 14.97
C PHE A 931 36.50 -36.67 15.86
N TYR A 932 35.80 -37.34 16.77
CA TYR A 932 36.40 -38.24 17.75
C TYR A 932 36.49 -39.67 17.23
N PHE A 933 35.40 -40.20 16.66
CA PHE A 933 35.40 -41.57 16.19
C PHE A 933 36.35 -41.76 15.01
N CYS A 934 36.33 -40.84 14.04
CA CYS A 934 37.10 -40.98 12.80
C CYS A 934 37.63 -39.61 12.41
N PRO A 935 38.84 -39.23 12.85
CA PRO A 935 39.31 -37.86 12.59
C PRO A 935 39.61 -37.56 11.14
N ILE A 936 39.97 -38.55 10.32
CA ILE A 936 40.50 -38.27 9.00
C ILE A 936 39.38 -37.82 8.05
N VAL A 937 38.18 -38.36 8.22
CA VAL A 937 37.11 -38.11 7.27
C VAL A 937 36.51 -36.72 7.50
N ALA A 938 36.42 -36.30 8.75
CA ALA A 938 35.74 -35.05 9.07
C ALA A 938 36.47 -33.84 8.51
N ALA A 939 37.80 -33.87 8.48
CA ALA A 939 38.56 -32.76 7.91
C ALA A 939 38.21 -32.56 6.45
N VAL A 940 38.20 -33.65 5.69
CA VAL A 940 37.88 -33.57 4.26
C VAL A 940 36.44 -33.11 4.06
N LEU A 941 35.51 -33.64 4.84
CA LEU A 941 34.11 -33.27 4.66
C LEU A 941 33.89 -31.79 4.98
N THR A 942 34.54 -31.29 6.04
CA THR A 942 34.40 -29.88 6.38
C THR A 942 35.05 -29.00 5.32
N PHE A 943 36.20 -29.40 4.79
CA PHE A 943 36.82 -28.64 3.71
C PHE A 943 35.89 -28.56 2.50
N ILE A 944 35.27 -29.68 2.14
CA ILE A 944 34.36 -29.70 1.00
C ILE A 944 33.18 -28.77 1.24
N TYR A 945 32.51 -28.92 2.39
CA TYR A 945 31.33 -28.10 2.63
C TYR A 945 31.68 -26.63 2.77
N PHE A 946 32.85 -26.31 3.30
CA PHE A 946 33.26 -24.92 3.40
C PHE A 946 33.49 -24.32 2.03
N ILE A 947 34.29 -24.99 1.20
CA ILE A 947 34.57 -24.45 -0.13
C ILE A 947 33.37 -24.54 -1.06
N ASN A 948 32.32 -25.28 -0.67
CA ASN A 948 31.10 -25.31 -1.46
C ASN A 948 30.13 -24.20 -1.05
N MET A 949 29.91 -24.01 0.25
CA MET A 949 28.89 -23.10 0.75
C MET A 949 29.37 -21.66 0.91
N ARG A 950 30.67 -21.41 0.78
CA ARG A 950 31.23 -20.08 1.02
C ARG A 950 32.06 -19.53 -0.12
N VAL A 951 32.37 -20.33 -1.15
CA VAL A 951 33.13 -19.89 -2.31
C VAL A 951 32.36 -20.14 -3.60
N PHE A 952 31.79 -21.34 -3.74
CA PHE A 952 30.94 -21.70 -4.87
C PHE A 952 29.47 -21.59 -4.51
N ALA A 953 29.10 -20.59 -3.72
CA ALA A 953 27.72 -20.42 -3.28
C ALA A 953 26.86 -20.19 -4.50
N VAL A 954 26.06 -21.19 -4.85
CA VAL A 954 25.36 -21.18 -6.14
C VAL A 954 24.08 -20.37 -6.04
N ARG A 955 23.22 -20.69 -5.08
CA ARG A 955 21.93 -20.01 -4.96
C ARG A 955 22.09 -18.53 -4.64
N ALA A 956 23.12 -18.15 -3.90
CA ALA A 956 23.36 -16.74 -3.62
C ALA A 956 23.64 -15.98 -4.91
N ARG A 957 24.59 -16.46 -5.70
CA ARG A 957 24.87 -15.88 -7.00
C ARG A 957 23.68 -15.96 -7.96
N LEU A 958 22.80 -16.94 -7.76
CA LEU A 958 21.64 -17.13 -8.63
C LEU A 958 20.54 -16.12 -8.33
N THR A 959 20.33 -15.79 -7.06
CA THR A 959 19.38 -14.76 -6.69
C THR A 959 19.93 -13.35 -6.86
N LYS A 960 21.23 -13.16 -6.61
CA LYS A 960 21.84 -11.86 -6.79
C LYS A 960 21.86 -11.45 -8.25
N SER A 961 22.22 -12.38 -9.14
CA SER A 961 22.22 -12.12 -10.58
C SER A 961 20.82 -12.08 -11.18
N LYS A 962 19.78 -12.35 -10.38
CA LYS A 962 18.39 -12.29 -10.84
C LYS A 962 17.66 -11.05 -10.38
N GLU A 963 17.85 -10.63 -9.12
CA GLU A 963 17.20 -9.42 -8.64
C GLU A 963 17.66 -8.17 -9.38
N ILE A 964 18.91 -8.15 -9.86
CA ILE A 964 19.41 -7.01 -10.63
C ILE A 964 18.57 -6.83 -11.89
N GLU A 965 18.49 -7.86 -12.73
CA GLU A 965 17.69 -7.75 -13.95
C GLU A 965 16.21 -7.68 -13.65
N LYS A 966 15.76 -8.14 -12.48
CA LYS A 966 14.37 -7.91 -12.09
C LYS A 966 14.10 -6.45 -11.83
N LYS A 967 15.08 -5.73 -11.25
CA LYS A 967 14.94 -4.30 -11.08
C LYS A 967 14.80 -3.58 -12.41
N GLU A 968 15.54 -4.03 -13.42
CA GLU A 968 15.52 -3.41 -14.74
C GLU A 968 14.51 -4.10 -15.65
N ASP A 986 16.10 3.10 -24.35
CA ASP A 986 15.77 2.73 -22.98
C ASP A 986 14.25 2.52 -22.84
N PRO A 987 13.77 1.30 -23.11
CA PRO A 987 12.33 1.04 -22.99
C PRO A 987 11.73 1.30 -21.62
N SER A 988 12.54 1.42 -20.56
CA SER A 988 12.04 1.84 -19.26
C SER A 988 11.87 3.35 -19.14
N PHE A 989 12.05 4.09 -20.23
CA PHE A 989 11.92 5.54 -20.28
C PHE A 989 10.90 6.02 -21.30
N LEU A 990 10.83 5.37 -22.47
CA LEU A 990 9.83 5.73 -23.45
C LEU A 990 8.41 5.52 -22.93
N ILE A 991 8.20 4.54 -22.05
CA ILE A 991 6.87 4.27 -21.52
C ILE A 991 6.42 5.39 -20.61
N GLN A 992 7.34 5.93 -19.79
CA GLN A 992 6.95 6.93 -18.82
C GLN A 992 6.63 8.26 -19.49
N GLU A 993 7.36 8.60 -20.55
CA GLU A 993 7.13 9.83 -21.29
C GLU A 993 5.99 9.71 -22.32
N ALA A 994 5.23 8.60 -22.30
CA ALA A 994 4.06 8.45 -23.15
C ALA A 994 2.74 8.53 -22.39
N PHE A 995 2.66 7.94 -21.20
CA PHE A 995 1.45 8.04 -20.39
C PHE A 995 1.26 9.41 -19.78
N TYR A 996 2.32 10.24 -19.72
CA TYR A 996 2.18 11.63 -19.34
C TYR A 996 1.78 12.52 -20.50
N ASN A 997 2.41 12.34 -21.66
CA ASN A 997 2.04 13.06 -22.87
C ASN A 997 1.04 12.26 -23.71
N MET A 998 -0.03 11.79 -23.04
CA MET A 998 -1.00 10.95 -23.73
C MET A 998 -1.88 11.77 -24.66
N HIS A 999 -2.20 13.00 -24.28
CA HIS A 999 -3.18 13.77 -25.04
C HIS A 999 -2.72 14.03 -26.47
N THR A 1000 -1.44 14.30 -26.67
CA THR A 1000 -0.93 14.63 -28.00
C THR A 1000 -0.89 13.41 -28.91
N VAL A 1001 -0.47 12.24 -28.39
CA VAL A 1001 -0.47 11.05 -29.21
C VAL A 1001 -1.87 10.64 -29.62
N ILE A 1002 -2.88 10.96 -28.81
CA ILE A 1002 -4.26 10.78 -29.25
C ILE A 1002 -4.59 11.75 -30.36
N ASN A 1003 -4.11 13.00 -30.24
CA ASN A 1003 -4.35 13.99 -31.28
C ASN A 1003 -3.68 13.59 -32.59
N TYR A 1004 -2.41 13.21 -32.52
CA TYR A 1004 -1.70 12.78 -33.73
C TYR A 1004 -0.40 12.10 -33.32
N GLY A 1005 -0.19 10.88 -33.81
CA GLY A 1005 1.02 10.11 -33.60
C GLY A 1005 0.80 8.92 -32.70
N LEU A 1006 0.58 7.75 -33.31
CA LEU A 1006 0.18 6.54 -32.59
C LEU A 1006 1.16 5.40 -32.78
N GLU A 1007 1.48 5.01 -34.02
CA GLU A 1007 2.29 3.85 -34.30
C GLU A 1007 3.77 4.18 -34.48
N ASP A 1008 4.15 5.44 -34.35
CA ASP A 1008 5.55 5.78 -34.18
C ASP A 1008 6.11 5.30 -32.85
N TYR A 1009 5.25 4.93 -31.89
CA TYR A 1009 5.68 4.32 -30.64
C TYR A 1009 5.28 2.86 -30.52
N PHE A 1010 4.17 2.45 -31.13
CA PHE A 1010 3.79 1.04 -31.13
C PHE A 1010 4.82 0.17 -31.84
N CYS A 1011 5.60 0.75 -32.75
CA CYS A 1011 6.65 0.05 -33.49
C CYS A 1011 8.00 0.71 -33.23
N ASN A 1012 8.22 1.13 -31.98
CA ASN A 1012 9.49 1.67 -31.54
C ASN A 1012 9.93 1.05 -30.22
N LEU A 1013 8.98 0.56 -29.42
CA LEU A 1013 9.34 -0.19 -28.23
C LEU A 1013 9.86 -1.58 -28.56
N ILE A 1014 9.37 -2.20 -29.64
CA ILE A 1014 9.86 -3.51 -30.03
C ILE A 1014 11.35 -3.45 -30.31
N GLU A 1015 11.78 -2.43 -31.04
CA GLU A 1015 13.17 -2.34 -31.45
C GLU A 1015 14.09 -2.10 -30.24
N LYS A 1016 13.73 -1.15 -29.38
CA LYS A 1016 14.55 -0.86 -28.21
C LYS A 1016 14.43 -1.92 -27.12
N ALA A 1017 13.46 -2.82 -27.23
CA ALA A 1017 13.46 -4.00 -26.37
C ALA A 1017 14.36 -5.09 -26.93
N ILE A 1018 14.26 -5.36 -28.23
CA ILE A 1018 15.01 -6.48 -28.81
C ILE A 1018 16.50 -6.16 -28.89
N ASP A 1019 16.86 -4.89 -29.04
CA ASP A 1019 18.28 -4.56 -29.07
C ASP A 1019 18.95 -4.72 -27.71
N TYR A 1020 18.17 -4.81 -26.63
CA TYR A 1020 18.69 -5.06 -25.29
C TYR A 1020 18.38 -6.46 -24.79
N LYS A 1021 17.53 -7.23 -25.46
CA LYS A 1021 17.39 -8.63 -25.07
C LYS A 1021 18.71 -9.38 -25.21
N ASN A 1022 19.15 -9.59 -26.45
CA ASN A 1022 20.05 -10.69 -26.77
C ASN A 1022 21.42 -10.53 -26.13
N LYS A 1023 22.02 -9.35 -26.26
CA LYS A 1023 23.42 -9.15 -25.90
C LYS A 1023 23.69 -9.45 -24.44
N GLY A 1024 22.73 -9.19 -23.57
CA GLY A 1024 22.85 -9.51 -22.16
C GLY A 1024 22.22 -10.84 -21.82
N GLN A 1025 21.12 -11.16 -22.51
CA GLN A 1025 20.32 -12.32 -22.16
C GLN A 1025 21.09 -13.61 -22.42
N LYS A 1026 21.83 -13.68 -23.52
CA LYS A 1026 22.57 -14.91 -23.82
C LYS A 1026 23.63 -15.22 -22.78
N ARG A 1027 24.42 -14.23 -22.38
CA ARG A 1027 25.42 -14.46 -21.34
C ARG A 1027 24.76 -14.80 -20.02
N ARG A 1028 23.75 -14.02 -19.61
CA ARG A 1028 23.10 -14.26 -18.33
C ARG A 1028 22.47 -15.65 -18.28
N ILE A 1029 21.85 -16.11 -19.37
CA ILE A 1029 21.17 -17.39 -19.35
C ILE A 1029 22.12 -18.57 -19.52
N ILE A 1030 23.19 -18.42 -20.29
CA ILE A 1030 24.17 -19.51 -20.40
C ILE A 1030 25.04 -19.60 -19.15
N VAL A 1031 25.02 -18.58 -18.30
CA VAL A 1031 25.68 -18.69 -17.00
C VAL A 1031 24.73 -19.22 -15.93
N ASN A 1032 23.50 -18.71 -15.88
CA ASN A 1032 22.56 -19.07 -14.84
C ASN A 1032 21.93 -20.45 -15.06
N ALA A 1033 22.27 -21.14 -16.14
CA ALA A 1033 21.94 -22.55 -16.30
C ALA A 1033 23.02 -23.48 -15.78
N ALA A 1034 24.29 -23.17 -16.07
CA ALA A 1034 25.39 -23.85 -15.42
C ALA A 1034 25.39 -23.63 -13.91
N LEU A 1035 24.89 -22.49 -13.44
CA LEU A 1035 24.71 -22.24 -12.02
C LEU A 1035 23.38 -22.77 -11.49
N TRP A 1036 22.74 -23.69 -12.21
CA TRP A 1036 21.60 -24.43 -11.70
C TRP A 1036 21.75 -25.92 -11.88
N GLY A 1037 22.51 -26.37 -12.89
CA GLY A 1037 22.75 -27.80 -13.03
C GLY A 1037 23.68 -28.33 -11.96
N PHE A 1038 24.72 -27.56 -11.63
CA PHE A 1038 25.66 -27.95 -10.59
C PHE A 1038 25.02 -27.97 -9.21
N SER A 1039 23.91 -27.26 -9.01
CA SER A 1039 23.22 -27.27 -7.73
C SER A 1039 22.40 -28.53 -7.51
N GLN A 1040 21.99 -29.21 -8.59
CA GLN A 1040 21.20 -30.43 -8.51
C GLN A 1040 22.05 -31.69 -8.59
N SER A 1041 23.36 -31.57 -8.80
CA SER A 1041 24.25 -32.72 -8.96
C SER A 1041 25.54 -32.49 -8.21
N ALA A 1042 25.43 -32.03 -6.96
CA ALA A 1042 26.57 -31.76 -6.10
C ALA A 1042 26.69 -32.72 -4.93
N GLN A 1043 25.58 -33.06 -4.27
CA GLN A 1043 25.66 -33.96 -3.12
C GLN A 1043 26.03 -35.37 -3.54
N LEU A 1044 25.62 -35.78 -4.75
CA LEU A 1044 25.93 -37.12 -5.23
C LEU A 1044 27.42 -37.34 -5.32
N PHE A 1045 28.15 -36.40 -5.93
CA PHE A 1045 29.59 -36.54 -6.07
C PHE A 1045 30.26 -36.57 -4.71
N ILE A 1046 29.77 -35.75 -3.77
CA ILE A 1046 30.34 -35.72 -2.43
C ILE A 1046 30.19 -37.07 -1.74
N ASN A 1047 28.97 -37.62 -1.78
CA ASN A 1047 28.75 -38.91 -1.14
C ASN A 1047 29.58 -40.01 -1.79
N SER A 1048 29.66 -40.00 -3.12
CA SER A 1048 30.46 -41.00 -3.82
C SER A 1048 31.92 -40.93 -3.41
N PHE A 1049 32.48 -39.71 -3.36
CA PHE A 1049 33.86 -39.56 -2.95
C PHE A 1049 34.05 -40.02 -1.50
N ALA A 1050 33.08 -39.73 -0.63
CA ALA A 1050 33.19 -40.13 0.75
C ALA A 1050 33.27 -41.65 0.89
N TYR A 1051 32.35 -42.37 0.23
CA TYR A 1051 32.38 -43.82 0.35
C TYR A 1051 33.61 -44.41 -0.32
N TRP A 1052 34.10 -43.81 -1.41
CA TRP A 1052 35.33 -44.30 -2.02
C TRP A 1052 36.50 -44.16 -1.06
N PHE A 1053 36.66 -42.96 -0.48
CA PHE A 1053 37.75 -42.71 0.45
C PHE A 1053 37.67 -43.63 1.67
N GLY A 1054 36.46 -43.89 2.14
CA GLY A 1054 36.29 -44.80 3.26
C GLY A 1054 36.71 -46.22 2.93
N SER A 1055 36.26 -46.73 1.79
CA SER A 1055 36.66 -48.07 1.37
C SER A 1055 38.13 -48.14 1.02
N PHE A 1056 38.77 -47.02 0.70
CA PHE A 1056 40.20 -47.00 0.40
C PHE A 1056 41.05 -47.06 1.66
N LEU A 1057 40.69 -46.30 2.68
CA LEU A 1057 41.46 -46.35 3.92
C LEU A 1057 41.31 -47.66 4.69
N ILE A 1058 40.28 -48.46 4.38
CA ILE A 1058 40.03 -49.66 5.16
C ILE A 1058 40.86 -50.83 4.64
N LYS A 1059 41.09 -50.91 3.33
CA LYS A 1059 41.83 -52.01 2.74
C LYS A 1059 43.35 -51.86 2.89
N ARG A 1060 43.81 -50.90 3.68
CA ARG A 1060 45.20 -50.82 4.10
C ARG A 1060 45.36 -50.83 5.61
N GLY A 1061 44.27 -50.97 6.37
CA GLY A 1061 44.34 -51.28 7.78
C GLY A 1061 44.32 -50.09 8.72
N THR A 1062 43.91 -48.92 8.26
CA THR A 1062 43.99 -47.73 9.10
C THR A 1062 42.78 -47.60 10.02
N ILE A 1063 41.57 -47.81 9.49
CA ILE A 1063 40.33 -47.52 10.19
C ILE A 1063 39.42 -48.74 10.07
N LEU A 1064 38.49 -48.87 11.02
CA LEU A 1064 37.47 -49.89 11.01
C LEU A 1064 36.22 -49.36 10.30
N VAL A 1065 35.11 -50.08 10.41
CA VAL A 1065 33.89 -49.74 9.69
C VAL A 1065 32.94 -48.91 10.55
N ASP A 1066 32.76 -49.30 11.81
CA ASP A 1066 31.81 -48.62 12.69
C ASP A 1066 32.17 -47.15 12.86
N ASP A 1067 33.47 -46.83 12.92
CA ASP A 1067 33.87 -45.44 13.08
C ASP A 1067 33.42 -44.61 11.90
N PHE A 1068 33.62 -45.11 10.68
CA PHE A 1068 33.17 -44.41 9.48
C PHE A 1068 31.66 -44.24 9.48
N MET A 1069 30.93 -45.33 9.78
CA MET A 1069 29.48 -45.28 9.74
C MET A 1069 28.92 -44.33 10.78
N LYS A 1070 29.62 -44.15 11.90
CA LYS A 1070 29.19 -43.23 12.94
C LYS A 1070 29.62 -41.80 12.68
N SER A 1071 30.69 -41.59 11.90
CA SER A 1071 31.18 -40.26 11.61
C SER A 1071 30.54 -39.62 10.40
N LEU A 1072 29.90 -40.41 9.53
CA LEU A 1072 29.27 -39.88 8.32
C LEU A 1072 27.82 -39.45 8.52
N PHE A 1073 27.02 -40.33 9.13
CA PHE A 1073 25.60 -40.06 9.30
C PHE A 1073 25.35 -38.84 10.18
N THR A 1074 26.29 -38.52 11.08
CA THR A 1074 26.15 -37.31 11.87
C THR A 1074 26.12 -36.07 10.99
N PHE A 1075 27.14 -35.91 10.14
CA PHE A 1075 27.14 -34.81 9.17
C PHE A 1075 25.85 -34.79 8.38
N ILE A 1076 25.44 -35.95 7.86
CA ILE A 1076 24.25 -36.00 7.00
C ILE A 1076 23.02 -35.46 7.71
N PHE A 1077 22.62 -36.13 8.80
CA PHE A 1077 21.37 -35.80 9.47
C PHE A 1077 21.43 -34.41 10.08
N THR A 1078 22.53 -34.07 10.75
CA THR A 1078 22.62 -32.75 11.38
C THR A 1078 22.59 -31.63 10.36
N GLY A 1079 23.27 -31.78 9.22
CA GLY A 1079 23.20 -30.75 8.19
C GLY A 1079 21.79 -30.58 7.67
N SER A 1080 21.10 -31.69 7.42
CA SER A 1080 19.73 -31.58 6.90
C SER A 1080 18.82 -30.87 7.89
N TYR A 1081 18.87 -31.26 9.17
CA TYR A 1081 17.97 -30.68 10.16
C TYR A 1081 18.31 -29.22 10.42
N ALA A 1082 19.60 -28.90 10.53
CA ALA A 1082 20.03 -27.51 10.72
C ALA A 1082 19.60 -26.64 9.55
N GLY A 1083 19.73 -27.13 8.32
CA GLY A 1083 19.24 -26.36 7.19
C GLY A 1083 17.73 -26.24 7.18
N LYS A 1084 17.03 -27.20 7.78
CA LYS A 1084 15.57 -27.11 7.85
C LYS A 1084 15.13 -26.00 8.77
N LEU A 1085 15.50 -26.08 10.06
CA LEU A 1085 14.92 -25.13 11.01
C LEU A 1085 15.48 -23.73 10.86
N MET A 1086 16.61 -23.55 10.18
CA MET A 1086 17.19 -22.23 10.01
C MET A 1086 16.36 -21.34 9.10
N SER A 1087 15.47 -21.91 8.30
CA SER A 1087 14.64 -21.16 7.37
C SER A 1087 13.30 -20.88 8.05
N LEU A 1088 13.36 -20.27 9.23
CA LEU A 1088 12.18 -19.80 9.93
C LEU A 1088 12.39 -18.40 10.53
N LYS A 1089 13.45 -17.71 10.16
CA LYS A 1089 13.77 -16.43 10.76
C LYS A 1089 12.79 -15.35 10.29
N GLY A 1090 12.90 -14.19 10.94
CA GLY A 1090 12.09 -13.04 10.61
C GLY A 1090 12.94 -11.79 10.45
N ASP A 1091 12.24 -10.66 10.28
CA ASP A 1091 12.89 -9.38 10.03
C ASP A 1091 13.58 -8.87 11.29
N SER A 1092 14.86 -9.16 11.44
CA SER A 1092 15.61 -8.79 12.63
C SER A 1092 16.22 -7.40 12.55
N GLU A 1093 16.49 -6.89 11.35
CA GLU A 1093 17.20 -5.63 11.20
C GLU A 1093 16.28 -4.43 11.36
N ASN A 1094 15.19 -4.39 10.60
CA ASN A 1094 14.27 -3.26 10.67
C ASN A 1094 13.63 -3.10 12.04
N ALA A 1095 13.52 -4.19 12.81
CA ALA A 1095 13.01 -4.11 14.18
C ALA A 1095 14.01 -3.52 15.15
N LYS A 1096 15.31 -3.68 14.89
CA LYS A 1096 16.34 -2.98 15.65
C LYS A 1096 16.52 -1.54 15.19
N LEU A 1097 15.91 -1.16 14.08
CA LEU A 1097 15.98 0.18 13.53
C LEU A 1097 14.81 1.06 13.94
N SER A 1098 13.58 0.58 13.74
CA SER A 1098 12.40 1.34 14.13
C SER A 1098 12.38 1.60 15.63
N PHE A 1099 12.95 0.68 16.42
CA PHE A 1099 13.02 0.88 17.86
C PHE A 1099 13.75 2.17 18.20
N GLU A 1100 14.76 2.52 17.41
CA GLU A 1100 15.45 3.78 17.62
C GLU A 1100 14.68 4.97 17.07
N LYS A 1101 13.70 4.74 16.19
CA LYS A 1101 12.82 5.83 15.80
C LYS A 1101 11.85 6.18 16.92
N TYR A 1102 11.19 5.19 17.52
CA TYR A 1102 10.15 5.48 18.51
C TYR A 1102 10.61 5.39 19.95
N TYR A 1103 11.88 5.10 20.21
CA TYR A 1103 12.31 5.07 21.61
C TYR A 1103 12.30 6.45 22.26
N PRO A 1104 12.66 7.54 21.58
CA PRO A 1104 12.55 8.86 22.22
C PRO A 1104 11.13 9.27 22.58
N LEU A 1105 10.12 8.61 22.03
CA LEU A 1105 8.73 8.98 22.29
C LEU A 1105 8.22 8.45 23.62
N MET A 1106 8.66 7.27 24.05
CA MET A 1106 8.27 6.73 25.35
C MET A 1106 9.09 7.31 26.50
N ILE A 1107 9.98 8.27 26.22
CA ILE A 1107 10.82 8.88 27.25
C ILE A 1107 10.79 10.41 27.19
N ARG A 1108 10.20 11.00 26.14
CA ARG A 1108 10.22 12.45 25.99
C ARG A 1108 9.52 13.15 27.15
N LYS A 1109 10.21 14.13 27.72
CA LYS A 1109 9.61 14.98 28.73
C LYS A 1109 8.58 15.91 28.10
N SER A 1110 7.54 16.22 28.86
CA SER A 1110 6.39 16.97 28.36
C SER A 1110 6.47 18.46 28.66
N ASN A 1111 6.81 18.80 29.90
CA ASN A 1111 7.05 20.13 30.49
C ASN A 1111 5.76 20.92 30.73
N ILE A 1112 4.63 20.43 30.25
CA ILE A 1112 3.31 20.85 30.69
C ILE A 1112 2.54 19.57 30.98
N ASP A 1113 2.63 19.10 32.23
CA ASP A 1113 2.16 17.78 32.60
C ASP A 1113 1.06 17.92 33.64
N VAL A 1114 -0.10 17.34 33.32
CA VAL A 1114 -1.23 17.38 34.25
C VAL A 1114 -1.01 16.46 35.45
N ARG A 1115 -0.08 15.51 35.37
CA ARG A 1115 0.19 14.61 36.48
C ARG A 1115 0.95 15.27 37.62
N ASP A 1116 1.52 16.45 37.41
CA ASP A 1116 2.21 17.14 38.48
C ASP A 1116 1.22 17.58 39.56
N ASP A 1117 1.76 17.94 40.71
CA ASP A 1117 0.97 18.40 41.85
C ASP A 1117 1.62 19.62 42.48
N GLY A 1118 2.19 20.49 41.65
CA GLY A 1118 2.83 21.71 42.11
C GLY A 1118 1.96 22.91 41.80
N GLY A 1119 1.85 23.81 42.75
CA GLY A 1119 1.01 24.99 42.65
C GLY A 1119 0.07 25.13 43.84
N ILE A 1120 -0.64 26.24 43.85
CA ILE A 1120 -1.56 26.56 44.93
C ILE A 1120 -2.81 25.70 44.77
N ARG A 1121 -3.24 25.07 45.86
CA ARG A 1121 -4.47 24.32 45.87
C ARG A 1121 -5.66 25.27 45.97
N ILE A 1122 -6.75 24.88 45.32
CA ILE A 1122 -7.90 25.76 45.10
C ILE A 1122 -9.17 24.97 45.41
N ASN A 1123 -10.07 25.58 46.17
CA ASN A 1123 -11.42 25.07 46.37
C ASN A 1123 -12.41 25.86 45.52
N LYS A 1124 -13.53 25.23 45.19
CA LYS A 1124 -14.52 25.85 44.33
C LYS A 1124 -15.35 26.91 45.03
N ASN A 1125 -15.32 26.96 46.37
CA ASN A 1125 -16.16 27.91 47.10
C ASN A 1125 -15.70 29.35 46.86
N LEU A 1126 -14.39 29.60 46.92
CA LEU A 1126 -13.84 30.95 46.97
C LEU A 1126 -13.62 31.55 45.58
N ILE A 1127 -14.29 31.03 44.55
CA ILE A 1127 -14.09 31.48 43.18
C ILE A 1127 -15.12 32.57 42.89
N LYS A 1128 -14.64 33.79 42.70
CA LYS A 1128 -15.49 34.90 42.30
C LYS A 1128 -15.62 35.02 40.79
N GLY A 1129 -14.71 34.43 40.03
CA GLY A 1129 -14.80 34.42 38.58
C GLY A 1129 -14.55 35.78 37.96
N LYS A 1130 -13.31 36.27 38.06
CA LYS A 1130 -12.90 37.56 37.51
C LYS A 1130 -11.70 37.33 36.59
N VAL A 1131 -11.98 37.02 35.33
CA VAL A 1131 -10.93 36.84 34.34
C VAL A 1131 -10.40 38.21 33.92
N ASP A 1132 -9.09 38.32 33.82
CA ASP A 1132 -8.43 39.59 33.53
C ASP A 1132 -7.23 39.36 32.62
N ILE A 1133 -7.03 40.28 31.68
CA ILE A 1133 -5.89 40.27 30.77
C ILE A 1133 -5.33 41.69 30.70
N LYS A 1134 -4.00 41.79 30.65
CA LYS A 1134 -3.30 43.07 30.68
C LYS A 1134 -2.54 43.34 29.38
N ASP A 1135 -1.94 42.32 28.79
CA ASP A 1135 -1.14 42.49 27.58
C ASP A 1135 -0.86 41.11 27.00
N VAL A 1136 -0.96 40.99 25.68
CA VAL A 1136 -0.82 39.72 24.98
C VAL A 1136 -0.09 39.94 23.67
N ASN A 1137 0.82 39.03 23.35
CA ASN A 1137 1.53 39.00 22.07
C ASN A 1137 1.74 37.54 21.70
N PHE A 1138 0.91 37.04 20.78
CA PHE A 1138 0.87 35.62 20.45
C PHE A 1138 1.18 35.42 18.96
N ARG A 1139 1.87 34.32 18.68
CA ARG A 1139 2.25 33.97 17.32
C ARG A 1139 2.44 32.45 17.25
N TYR A 1140 1.73 31.80 16.34
CA TYR A 1140 1.85 30.35 16.20
C TYR A 1140 3.25 29.98 15.73
N ILE A 1141 3.86 29.03 16.45
CA ILE A 1141 5.21 28.59 16.13
C ILE A 1141 5.24 27.78 14.83
N SER A 1142 4.10 27.25 14.40
CA SER A 1142 4.05 26.52 13.13
C SER A 1142 4.29 27.42 11.92
N ARG A 1143 4.13 28.74 12.08
CA ARG A 1143 4.25 29.68 10.95
C ARG A 1143 4.61 31.05 11.50
N PRO A 1144 5.80 31.20 12.09
CA PRO A 1144 6.12 32.43 12.82
C PRO A 1144 6.32 33.64 11.91
N ASN A 1145 5.25 34.05 11.24
CA ASN A 1145 5.22 35.29 10.47
C ASN A 1145 3.92 36.06 10.63
N VAL A 1146 2.86 35.45 11.15
CA VAL A 1146 1.52 36.04 11.19
C VAL A 1146 1.13 36.31 12.64
N PRO A 1147 1.60 37.39 13.25
CA PRO A 1147 1.11 37.73 14.59
C PRO A 1147 -0.36 38.11 14.57
N ILE A 1148 -1.10 37.59 15.54
CA ILE A 1148 -2.56 37.69 15.57
C ILE A 1148 -3.02 38.65 16.67
N TYR A 1149 -2.34 38.66 17.80
CA TYR A 1149 -2.71 39.48 18.95
C TYR A 1149 -1.62 40.49 19.24
N LYS A 1150 -2.02 41.73 19.50
CA LYS A 1150 -1.11 42.78 19.94
C LYS A 1150 -1.83 43.63 20.97
N ASN A 1151 -1.38 43.55 22.22
CA ASN A 1151 -1.83 44.43 23.29
C ASN A 1151 -3.33 44.27 23.57
N LEU A 1152 -3.75 43.02 23.76
CA LEU A 1152 -5.10 42.77 24.24
C LEU A 1152 -5.17 43.08 25.74
N SER A 1153 -6.23 43.78 26.14
CA SER A 1153 -6.36 44.21 27.52
C SER A 1153 -7.82 44.52 27.80
N PHE A 1154 -8.46 43.71 28.64
CA PHE A 1154 -9.80 43.97 29.09
C PHE A 1154 -10.06 43.13 30.34
N THR A 1155 -11.28 43.23 30.87
CA THR A 1155 -11.67 42.54 32.09
C THR A 1155 -13.12 42.09 31.98
N CYS A 1156 -13.39 40.90 32.52
CA CYS A 1156 -14.73 40.34 32.58
C CYS A 1156 -15.25 40.38 34.01
N ASP A 1157 -16.58 40.41 34.14
CA ASP A 1157 -17.23 40.62 35.41
C ASP A 1157 -17.53 39.28 36.08
N SER A 1158 -17.99 39.34 37.33
CA SER A 1158 -18.25 38.16 38.15
C SER A 1158 -19.74 37.86 38.15
N LYS A 1159 -20.10 36.64 37.79
CA LYS A 1159 -21.50 36.20 37.72
C LYS A 1159 -22.31 37.07 36.77
N LYS A 1160 -21.65 37.56 35.71
CA LYS A 1160 -22.25 38.38 34.68
C LYS A 1160 -22.06 37.69 33.33
N THR A 1161 -22.55 38.33 32.27
CA THR A 1161 -22.38 37.87 30.91
C THR A 1161 -21.59 38.92 30.13
N THR A 1162 -20.71 38.46 29.24
CA THR A 1162 -19.83 39.33 28.46
C THR A 1162 -19.74 38.77 27.05
N ALA A 1163 -20.36 39.45 26.10
CA ALA A 1163 -20.37 38.99 24.72
C ALA A 1163 -19.12 39.48 23.99
N ILE A 1164 -18.95 38.96 22.77
CA ILE A 1164 -17.81 39.29 21.91
C ILE A 1164 -18.34 39.39 20.49
N VAL A 1165 -17.88 40.41 19.76
CA VAL A 1165 -18.12 40.52 18.33
C VAL A 1165 -16.87 41.09 17.68
N GLY A 1166 -16.82 41.01 16.36
CA GLY A 1166 -15.68 41.52 15.63
C GLY A 1166 -15.66 41.02 14.20
N GLU A 1167 -14.49 41.12 13.58
CA GLU A 1167 -14.32 40.67 12.22
C GLU A 1167 -14.42 39.15 12.15
N THR A 1168 -15.20 38.67 11.19
CA THR A 1168 -15.41 37.23 11.05
C THR A 1168 -14.10 36.56 10.62
N GLY A 1169 -13.73 35.50 11.33
CA GLY A 1169 -12.49 34.81 11.05
C GLY A 1169 -11.25 35.51 11.57
N SER A 1170 -11.38 36.33 12.61
CA SER A 1170 -10.25 37.06 13.17
C SER A 1170 -9.48 36.25 14.20
N GLY A 1171 -9.72 34.94 14.31
CA GLY A 1171 -9.04 34.13 15.29
C GLY A 1171 -9.54 34.40 16.69
N LYS A 1172 -10.85 34.25 16.90
CA LYS A 1172 -11.45 34.44 18.21
C LYS A 1172 -11.37 33.19 19.08
N SER A 1173 -11.21 32.02 18.48
CA SER A 1173 -11.10 30.76 19.21
C SER A 1173 -9.64 30.40 19.51
N THR A 1174 -8.91 31.37 20.05
CA THR A 1174 -7.55 31.15 20.55
C THR A 1174 -7.43 31.72 21.96
N PHE A 1175 -8.19 32.78 22.23
CA PHE A 1175 -8.47 33.23 23.58
C PHE A 1175 -8.78 32.06 24.51
N MET A 1176 -9.68 31.17 24.09
CA MET A 1176 -10.10 30.06 24.93
C MET A 1176 -8.92 29.13 25.22
N ASN A 1177 -8.19 28.73 24.18
CA ASN A 1177 -7.08 27.80 24.36
C ASN A 1177 -5.99 28.37 25.24
N LEU A 1178 -5.65 29.64 25.06
CA LEU A 1178 -4.71 30.29 25.97
C LEU A 1178 -5.24 30.29 27.40
N LEU A 1179 -6.56 30.35 27.57
CA LEU A 1179 -7.10 30.43 28.92
C LEU A 1179 -7.06 29.08 29.65
N LEU A 1180 -6.97 27.97 28.91
CA LEU A 1180 -6.91 26.64 29.51
C LEU A 1180 -5.50 26.04 29.48
N ARG A 1181 -4.46 26.84 29.21
CA ARG A 1181 -3.08 26.38 29.21
C ARG A 1181 -2.85 25.26 28.20
N PHE A 1182 -3.03 25.59 26.92
CA PHE A 1182 -2.47 24.80 25.84
C PHE A 1182 -1.19 25.42 25.28
N TYR A 1183 -0.91 26.67 25.62
CA TYR A 1183 0.26 27.39 25.13
C TYR A 1183 0.69 28.37 26.20
N ASP A 1184 1.97 28.35 26.56
CA ASP A 1184 2.49 29.28 27.55
C ASP A 1184 2.82 30.61 26.87
N LEU A 1185 3.36 31.53 27.65
CA LEU A 1185 3.76 32.85 27.17
C LEU A 1185 5.15 33.21 27.67
N ASN A 1234 4.58 36.46 24.27
CA ASN A 1234 4.65 37.09 25.57
C ASN A 1234 3.31 37.69 25.96
N GLY A 1235 3.04 37.74 27.25
CA GLY A 1235 1.79 38.30 27.75
C GLY A 1235 1.53 37.88 29.17
N GLU A 1236 0.34 38.24 29.66
CA GLU A 1236 -0.05 37.94 31.03
C GLU A 1236 -1.56 37.69 31.08
N ILE A 1237 -1.96 36.71 31.87
CA ILE A 1237 -3.36 36.44 32.17
C ILE A 1237 -3.48 36.27 33.68
N LEU A 1238 -4.59 36.73 34.25
CA LEU A 1238 -4.81 36.68 35.69
C LEU A 1238 -6.15 36.04 36.00
N LEU A 1239 -6.31 35.68 37.27
CA LEU A 1239 -7.58 35.16 37.76
C LEU A 1239 -7.62 35.43 39.26
N ASP A 1240 -8.53 36.32 39.67
CA ASP A 1240 -8.63 36.77 41.06
C ASP A 1240 -7.30 37.35 41.52
N ASP A 1241 -6.73 38.21 40.67
CA ASP A 1241 -5.49 38.93 40.96
C ASP A 1241 -4.31 37.98 41.17
N ILE A 1242 -4.36 36.80 40.55
CA ILE A 1242 -3.31 35.80 40.67
C ILE A 1242 -3.02 35.27 39.26
N ASN A 1243 -1.76 34.92 39.01
CA ASN A 1243 -1.37 34.41 37.71
C ASN A 1243 -1.84 32.98 37.53
N ILE A 1244 -1.87 32.54 36.26
CA ILE A 1244 -2.43 31.24 35.92
C ILE A 1244 -1.45 30.12 36.21
N CYS A 1245 -0.15 30.41 36.25
CA CYS A 1245 0.88 29.37 36.32
C CYS A 1245 1.24 28.98 37.75
N ASP A 1246 0.32 29.19 38.70
CA ASP A 1246 0.55 28.88 40.11
C ASP A 1246 -0.71 28.27 40.72
N TYR A 1247 -1.32 27.29 40.03
CA TYR A 1247 -2.63 26.78 40.39
C TYR A 1247 -2.73 25.26 40.50
N ASN A 1248 -1.70 24.49 40.15
CA ASN A 1248 -1.79 23.03 40.18
C ASN A 1248 -2.90 22.56 39.24
N LEU A 1249 -2.63 22.71 37.94
CA LEU A 1249 -3.66 22.82 36.91
C LEU A 1249 -4.61 21.63 36.78
N ARG A 1250 -4.44 20.58 37.58
CA ARG A 1250 -5.47 19.56 37.69
C ARG A 1250 -6.82 20.19 38.05
N ASP A 1251 -6.82 21.06 39.06
CA ASP A 1251 -8.06 21.71 39.47
C ASP A 1251 -8.44 22.85 38.55
N LEU A 1252 -7.46 23.51 37.92
CA LEU A 1252 -7.75 24.61 37.01
C LEU A 1252 -8.61 24.14 35.84
N ARG A 1253 -8.30 22.99 35.27
CA ARG A 1253 -9.13 22.43 34.22
C ARG A 1253 -10.38 21.75 34.75
N ASN A 1254 -10.59 21.74 36.07
CA ASN A 1254 -11.70 21.01 36.69
C ASN A 1254 -12.90 21.91 36.99
N LEU A 1255 -12.89 23.16 36.53
CA LEU A 1255 -14.00 24.08 36.73
C LEU A 1255 -14.42 24.83 35.47
N PHE A 1256 -13.55 25.01 34.49
CA PHE A 1256 -13.97 25.55 33.22
C PHE A 1256 -14.83 24.52 32.48
N SER A 1257 -15.54 25.00 31.45
CA SER A 1257 -16.35 24.12 30.63
C SER A 1257 -16.62 24.84 29.31
N ILE A 1258 -16.16 24.26 28.21
CA ILE A 1258 -16.30 24.84 26.89
C ILE A 1258 -17.43 24.14 26.15
N VAL A 1259 -18.02 24.84 25.20
CA VAL A 1259 -18.99 24.29 24.27
C VAL A 1259 -18.50 24.65 22.87
N SER A 1260 -17.74 23.75 22.27
CA SER A 1260 -17.10 24.03 20.99
C SER A 1260 -18.14 24.18 19.89
N GLN A 1261 -17.68 24.60 18.72
CA GLN A 1261 -18.56 24.73 17.56
C GLN A 1261 -19.10 23.38 17.15
N GLU A 1262 -18.20 22.44 16.79
CA GLU A 1262 -18.57 21.06 16.53
C GLU A 1262 -18.32 20.20 17.77
N PRO A 1263 -19.29 19.44 18.27
CA PRO A 1263 -19.02 18.54 19.39
C PRO A 1263 -18.28 17.30 18.91
N MET A 1264 -18.06 16.38 19.85
CA MET A 1264 -17.40 15.10 19.54
C MET A 1264 -17.85 14.08 20.58
N LEU A 1265 -18.42 12.98 20.11
CA LEU A 1265 -18.90 11.91 20.97
C LEU A 1265 -18.16 10.62 20.63
N PHE A 1266 -17.86 9.84 21.66
CA PHE A 1266 -17.08 8.63 21.48
C PHE A 1266 -17.98 7.45 21.15
N ASN A 1267 -17.37 6.28 20.92
CA ASN A 1267 -18.08 5.08 20.49
C ASN A 1267 -18.65 4.29 21.67
N MET A 1268 -18.79 4.91 22.84
CA MET A 1268 -19.40 4.28 24.00
C MET A 1268 -20.89 4.62 24.03
N SER A 1269 -21.58 4.17 25.06
CA SER A 1269 -23.00 4.41 25.17
C SER A 1269 -23.28 5.87 25.47
N ILE A 1270 -24.54 6.27 25.26
CA ILE A 1270 -24.96 7.63 25.53
C ILE A 1270 -24.89 7.94 27.02
N TYR A 1271 -25.05 6.92 27.87
CA TYR A 1271 -24.98 7.15 29.30
C TYR A 1271 -23.56 7.52 29.73
N GLU A 1272 -22.55 7.02 29.04
CA GLU A 1272 -21.16 7.20 29.46
C GLU A 1272 -20.52 8.45 28.87
N ASN A 1273 -20.94 8.89 27.68
CA ASN A 1273 -20.42 10.14 27.13
C ASN A 1273 -20.76 11.33 28.00
N ILE A 1274 -21.84 11.27 28.78
CA ILE A 1274 -22.17 12.36 29.68
C ILE A 1274 -21.33 12.29 30.94
N LYS A 1275 -20.95 11.09 31.38
CA LYS A 1275 -20.11 10.92 32.56
C LYS A 1275 -18.62 10.99 32.24
N PHE A 1276 -18.26 11.46 31.05
CA PHE A 1276 -16.86 11.55 30.68
C PHE A 1276 -16.14 12.53 31.59
N GLY A 1277 -15.08 12.04 32.24
CA GLY A 1277 -14.36 12.83 33.23
C GLY A 1277 -14.83 12.58 34.63
N ARG A 1278 -16.14 12.65 34.85
CA ARG A 1278 -16.75 12.42 36.17
C ARG A 1278 -17.28 11.00 36.22
N GLU A 1279 -16.54 10.12 36.89
CA GLU A 1279 -16.92 8.71 37.00
C GLU A 1279 -18.03 8.47 38.01
N ASP A 1280 -18.20 9.36 38.99
CA ASP A 1280 -19.14 9.17 40.09
C ASP A 1280 -20.38 10.02 39.85
N ALA A 1281 -21.38 9.41 39.22
CA ALA A 1281 -22.66 10.08 38.98
C ALA A 1281 -23.71 9.02 38.70
N THR A 1282 -24.86 9.16 39.36
CA THR A 1282 -25.95 8.20 39.20
C THR A 1282 -26.70 8.50 37.89
N LEU A 1283 -27.79 7.78 37.66
CA LEU A 1283 -28.55 7.91 36.43
C LEU A 1283 -29.62 8.97 36.51
N GLU A 1284 -30.23 9.18 37.68
CA GLU A 1284 -31.28 10.19 37.81
C GLU A 1284 -30.73 11.59 37.59
N ASP A 1285 -29.47 11.82 37.93
CA ASP A 1285 -28.85 13.11 37.62
C ASP A 1285 -28.80 13.35 36.12
N VAL A 1286 -28.56 12.29 35.34
CA VAL A 1286 -28.56 12.42 33.89
C VAL A 1286 -29.95 12.79 33.40
N LYS A 1287 -30.98 12.19 33.98
CA LYS A 1287 -32.35 12.53 33.60
C LYS A 1287 -32.66 13.98 33.95
N ARG A 1288 -32.21 14.43 35.13
CA ARG A 1288 -32.43 15.79 35.55
C ARG A 1288 -31.78 16.78 34.59
N VAL A 1289 -30.49 16.60 34.30
CA VAL A 1289 -29.78 17.54 33.45
C VAL A 1289 -30.18 17.40 31.98
N SER A 1290 -30.76 16.27 31.57
CA SER A 1290 -31.32 16.14 30.25
C SER A 1290 -32.68 16.81 30.14
N LYS A 1291 -33.41 16.91 31.25
CA LYS A 1291 -34.66 17.66 31.25
C LYS A 1291 -34.41 19.12 30.88
N PHE A 1292 -33.30 19.69 31.35
CA PHE A 1292 -32.97 21.06 30.99
C PHE A 1292 -32.67 21.18 29.51
N ALA A 1293 -31.89 20.26 28.97
CA ALA A 1293 -31.51 20.30 27.56
C ALA A 1293 -32.65 19.98 26.62
N ALA A 1294 -33.79 19.50 27.12
CA ALA A 1294 -34.94 19.15 26.30
C ALA A 1294 -34.57 18.06 25.29
N ILE A 1295 -33.95 17.00 25.81
CA ILE A 1295 -33.57 15.83 25.03
C ILE A 1295 -34.20 14.54 25.55
N ASP A 1296 -34.89 14.60 26.69
CA ASP A 1296 -35.54 13.40 27.23
C ASP A 1296 -36.92 13.18 26.62
N GLU A 1297 -36.99 13.24 25.29
CA GLU A 1297 -38.16 12.85 24.51
C GLU A 1297 -37.74 11.89 23.40
N PHE A 1298 -36.58 12.16 22.79
CA PHE A 1298 -36.04 11.26 21.77
C PHE A 1298 -35.42 10.02 22.39
N ILE A 1299 -34.71 10.17 23.51
CA ILE A 1299 -34.10 9.02 24.16
C ILE A 1299 -35.18 8.13 24.77
N GLU A 1300 -36.25 8.73 25.28
CA GLU A 1300 -37.39 7.97 25.80
C GLU A 1300 -38.42 7.75 24.69
N SER A 1301 -37.94 7.31 23.53
CA SER A 1301 -38.79 6.94 22.40
C SER A 1301 -38.18 5.79 21.61
N LEU A 1302 -37.35 4.98 22.26
CA LEU A 1302 -36.50 4.03 21.55
C LEU A 1302 -36.07 2.94 22.51
N PRO A 1303 -36.01 1.67 22.09
CA PRO A 1303 -35.45 0.63 22.97
C PRO A 1303 -33.97 0.88 23.22
N ASN A 1304 -33.49 0.28 24.32
CA ASN A 1304 -32.11 0.48 24.78
C ASN A 1304 -31.82 1.96 24.95
N LYS A 1305 -32.61 2.57 25.83
CA LYS A 1305 -32.67 4.02 25.98
C LYS A 1305 -31.31 4.62 26.34
N TYR A 1306 -30.81 4.30 27.53
CA TYR A 1306 -29.51 4.77 27.99
C TYR A 1306 -28.40 3.74 27.78
N ASP A 1307 -28.58 2.83 26.82
CA ASP A 1307 -27.55 1.89 26.41
C ASP A 1307 -27.42 1.83 24.89
N THR A 1308 -27.94 2.83 24.18
CA THR A 1308 -27.89 2.86 22.72
C THR A 1308 -26.48 3.19 22.27
N ASN A 1309 -25.71 2.16 21.93
CA ASN A 1309 -24.32 2.35 21.54
C ASN A 1309 -24.25 3.12 20.23
N VAL A 1310 -23.81 4.37 20.30
CA VAL A 1310 -23.66 5.21 19.12
C VAL A 1310 -22.46 4.71 18.32
N GLY A 1311 -22.31 5.21 17.10
CA GLY A 1311 -21.23 4.80 16.24
C GLY A 1311 -19.98 5.63 16.49
N PRO A 1312 -18.96 5.42 15.66
CA PRO A 1312 -17.73 6.21 15.81
C PRO A 1312 -17.96 7.67 15.44
N TYR A 1313 -17.40 8.55 16.27
CA TYR A 1313 -17.52 10.00 16.11
C TYR A 1313 -18.97 10.48 16.15
N GLY A 1314 -19.87 9.69 16.74
CA GLY A 1314 -21.27 10.08 16.81
C GLY A 1314 -21.94 10.24 15.47
N LYS A 1315 -21.58 9.41 14.48
CA LYS A 1315 -22.15 9.50 13.14
C LYS A 1315 -23.47 8.76 13.00
N SER A 1316 -24.09 8.34 14.11
CA SER A 1316 -25.38 7.67 14.12
C SER A 1316 -26.45 8.52 14.79
N LEU A 1317 -26.30 9.85 14.73
CA LEU A 1317 -27.24 10.78 15.33
C LEU A 1317 -27.28 12.04 14.49
N SER A 1318 -28.21 12.93 14.85
CA SER A 1318 -28.42 14.18 14.15
C SER A 1318 -27.72 15.33 14.88
N GLY A 1319 -27.36 16.36 14.11
CA GLY A 1319 -26.65 17.50 14.66
C GLY A 1319 -27.42 18.23 15.73
N GLY A 1320 -28.75 18.26 15.63
CA GLY A 1320 -29.57 18.88 16.63
C GLY A 1320 -29.68 18.13 17.94
N GLN A 1321 -29.12 16.92 17.99
CA GLN A 1321 -29.06 16.11 19.21
C GLN A 1321 -27.67 16.01 19.79
N LYS A 1322 -26.64 15.98 18.93
CA LYS A 1322 -25.27 15.86 19.38
C LYS A 1322 -24.87 17.04 20.26
N GLN A 1323 -25.23 18.25 19.85
CA GLN A 1323 -24.89 19.43 20.62
C GLN A 1323 -25.70 19.54 21.90
N ARG A 1324 -26.94 19.05 21.93
CA ARG A 1324 -27.66 19.00 23.19
C ARG A 1324 -27.04 18.00 24.14
N ILE A 1325 -26.53 16.88 23.62
CA ILE A 1325 -25.79 15.95 24.46
C ILE A 1325 -24.54 16.61 25.02
N ALA A 1326 -23.85 17.39 24.19
CA ALA A 1326 -22.67 18.13 24.66
C ALA A 1326 -23.05 19.11 25.75
N ILE A 1327 -24.17 19.82 25.58
CA ILE A 1327 -24.60 20.79 26.60
C ILE A 1327 -24.95 20.08 27.89
N ALA A 1328 -25.57 18.90 27.82
CA ALA A 1328 -25.82 18.13 29.03
C ALA A 1328 -24.52 17.67 29.66
N ARG A 1329 -23.51 17.39 28.83
CA ARG A 1329 -22.20 16.97 29.35
C ARG A 1329 -21.51 18.11 30.08
N ALA A 1330 -21.74 19.35 29.63
CA ALA A 1330 -21.09 20.51 30.21
C ALA A 1330 -21.79 21.05 31.45
N LEU A 1331 -23.04 20.63 31.71
CA LEU A 1331 -23.80 21.13 32.85
C LEU A 1331 -23.77 20.20 34.05
N LEU A 1332 -23.26 18.98 33.90
CA LEU A 1332 -23.18 18.05 35.02
C LEU A 1332 -22.07 18.40 35.99
N ARG A 1333 -21.00 19.04 35.50
CA ARG A 1333 -19.83 19.33 36.32
C ARG A 1333 -20.06 20.47 37.30
N GLU A 1334 -21.22 21.14 37.25
CA GLU A 1334 -21.48 22.36 38.01
C GLU A 1334 -20.37 23.36 37.75
N PRO A 1335 -20.17 23.78 36.51
CA PRO A 1335 -19.04 24.63 36.19
C PRO A 1335 -19.23 26.04 36.71
N LYS A 1336 -18.16 26.58 37.29
CA LYS A 1336 -18.19 27.94 37.81
C LYS A 1336 -17.98 28.98 36.74
N ILE A 1337 -17.38 28.60 35.60
CA ILE A 1337 -17.19 29.48 34.45
C ILE A 1337 -17.61 28.72 33.21
N LEU A 1338 -18.34 29.39 32.33
CA LEU A 1338 -18.87 28.81 31.10
C LEU A 1338 -18.30 29.56 29.91
N LEU A 1339 -18.10 28.82 28.80
CA LEU A 1339 -17.47 29.35 27.60
C LEU A 1339 -18.23 28.80 26.39
N LEU A 1340 -19.15 29.61 25.84
CA LEU A 1340 -20.01 29.19 24.76
C LEU A 1340 -19.47 29.68 23.42
N ASP A 1341 -20.05 29.18 22.33
CA ASP A 1341 -19.69 29.67 20.99
C ASP A 1341 -20.82 29.37 20.02
N GLU A 1342 -21.65 30.37 19.75
CA GLU A 1342 -22.66 30.36 18.68
C GLU A 1342 -23.47 29.07 18.68
N ALA A 1343 -24.26 28.91 19.74
CA ALA A 1343 -24.91 27.62 20.04
C ALA A 1343 -25.81 27.11 18.93
N THR A 1344 -26.25 27.98 18.00
CA THR A 1344 -27.21 27.59 16.97
C THR A 1344 -26.79 28.09 15.59
N SER A 1345 -25.55 27.83 15.20
CA SER A 1345 -25.02 28.36 13.94
C SER A 1345 -25.77 27.79 12.73
N SER A 1346 -25.70 26.48 12.53
CA SER A 1346 -26.14 25.83 11.29
C SER A 1346 -26.94 24.57 11.58
N LEU A 1347 -27.92 24.67 12.48
CA LEU A 1347 -28.71 23.54 12.92
C LEU A 1347 -30.06 23.51 12.20
N ASP A 1348 -30.89 22.54 12.57
CA ASP A 1348 -32.20 22.33 11.96
C ASP A 1348 -33.22 23.24 12.64
N SER A 1349 -34.52 22.99 12.43
CA SER A 1349 -35.55 23.93 12.85
C SER A 1349 -35.88 23.80 14.33
N ASN A 1350 -36.33 22.63 14.78
CA ASN A 1350 -36.87 22.50 16.13
C ASN A 1350 -35.79 22.56 17.19
N SER A 1351 -34.73 21.75 17.04
CA SER A 1351 -33.69 21.73 18.04
C SER A 1351 -32.99 23.08 18.17
N GLU A 1352 -32.98 23.86 17.09
CA GLU A 1352 -32.50 25.25 17.20
C GLU A 1352 -33.30 26.02 18.23
N LYS A 1353 -34.62 26.04 18.09
CA LYS A 1353 -35.47 26.76 19.03
C LYS A 1353 -35.32 26.22 20.44
N LEU A 1354 -35.21 24.89 20.57
CA LEU A 1354 -35.01 24.30 21.89
C LEU A 1354 -33.70 24.77 22.50
N ILE A 1355 -32.65 24.90 21.68
CA ILE A 1355 -31.36 25.32 22.18
C ILE A 1355 -31.41 26.78 22.61
N GLU A 1356 -32.07 27.64 21.83
CA GLU A 1356 -32.19 29.03 22.29
C GLU A 1356 -32.98 29.11 23.59
N LYS A 1357 -33.99 28.25 23.74
CA LYS A 1357 -34.72 28.19 25.01
C LYS A 1357 -33.78 27.83 26.16
N THR A 1358 -32.91 26.83 25.94
CA THR A 1358 -31.97 26.45 26.99
C THR A 1358 -31.00 27.58 27.31
N ILE A 1359 -30.49 28.26 26.29
CA ILE A 1359 -29.53 29.33 26.52
C ILE A 1359 -30.18 30.47 27.31
N VAL A 1360 -31.35 30.92 26.88
CA VAL A 1360 -32.01 32.00 27.61
C VAL A 1360 -32.54 31.56 28.96
N ASP A 1361 -32.67 30.25 29.18
CA ASP A 1361 -33.00 29.75 30.51
C ASP A 1361 -31.80 29.79 31.46
N ILE A 1362 -30.64 29.37 30.98
CA ILE A 1362 -29.46 29.33 31.83
C ILE A 1362 -29.00 30.73 32.18
N LYS A 1363 -29.03 31.64 31.21
CA LYS A 1363 -28.46 32.97 31.41
C LYS A 1363 -29.28 33.81 32.37
N ASP A 1364 -30.53 33.45 32.63
CA ASP A 1364 -31.33 34.18 33.60
C ASP A 1364 -30.86 33.94 35.03
N LYS A 1365 -30.31 32.76 35.31
CA LYS A 1365 -29.79 32.46 36.64
C LYS A 1365 -28.43 33.12 36.82
N ALA A 1366 -28.37 34.10 37.72
CA ALA A 1366 -27.12 34.80 38.02
C ALA A 1366 -26.36 33.98 39.06
N ASP A 1367 -25.70 32.92 38.57
CA ASP A 1367 -24.95 31.99 39.40
C ASP A 1367 -23.49 31.86 38.98
N LYS A 1368 -23.20 31.84 37.68
CA LYS A 1368 -21.88 31.54 37.16
C LYS A 1368 -21.47 32.59 36.14
N THR A 1369 -20.16 32.83 36.07
CA THR A 1369 -19.60 33.76 35.08
C THR A 1369 -19.69 33.13 33.69
N ILE A 1370 -20.12 33.91 32.71
CA ILE A 1370 -20.39 33.42 31.37
C ILE A 1370 -19.69 34.35 30.38
N ILE A 1371 -19.10 33.76 29.33
CA ILE A 1371 -18.41 34.49 28.28
C ILE A 1371 -18.87 33.89 26.96
N THR A 1372 -19.85 34.53 26.33
CA THR A 1372 -20.42 34.02 25.09
C THR A 1372 -19.66 34.57 23.88
N ILE A 1373 -19.98 34.00 22.72
CA ILE A 1373 -19.54 34.52 21.43
C ILE A 1373 -20.80 34.54 20.56
N ALA A 1374 -21.47 35.69 20.52
CA ALA A 1374 -22.78 35.80 19.90
C ALA A 1374 -22.74 36.84 18.79
N HIS A 1375 -23.63 36.65 17.80
CA HIS A 1375 -23.83 37.63 16.75
C HIS A 1375 -25.30 37.83 16.43
N ARG A 1376 -26.22 37.31 17.24
CA ARG A 1376 -27.66 37.47 17.05
C ARG A 1376 -28.15 38.58 17.97
N ILE A 1377 -28.69 39.66 17.37
CA ILE A 1377 -29.00 40.87 18.11
C ILE A 1377 -29.99 40.62 19.23
N ALA A 1378 -30.83 39.59 19.10
CA ALA A 1378 -31.77 39.27 20.18
C ALA A 1378 -31.05 38.89 21.46
N SER A 1379 -29.86 38.29 21.35
CA SER A 1379 -29.07 37.90 22.52
C SER A 1379 -28.07 38.97 22.92
N ILE A 1380 -27.62 39.80 21.98
CA ILE A 1380 -26.63 40.84 22.31
C ILE A 1380 -27.22 41.85 23.28
N LYS A 1381 -28.45 42.28 23.03
CA LYS A 1381 -29.06 43.34 23.83
C LYS A 1381 -29.31 42.94 25.27
N ARG A 1382 -29.43 41.65 25.54
CA ARG A 1382 -29.57 41.17 26.92
C ARG A 1382 -28.24 41.14 27.66
N SER A 1383 -27.12 41.08 26.94
CA SER A 1383 -25.82 41.00 27.56
C SER A 1383 -25.51 42.27 28.36
N ASP A 1384 -24.61 42.14 29.33
CA ASP A 1384 -24.24 43.23 30.22
C ASP A 1384 -22.93 43.91 29.82
N LYS A 1385 -22.22 43.37 28.84
CA LYS A 1385 -20.98 43.99 28.37
C LYS A 1385 -20.68 43.43 26.99
N ILE A 1386 -20.22 44.29 26.09
CA ILE A 1386 -19.95 43.93 24.71
C ILE A 1386 -18.55 44.41 24.35
N VAL A 1387 -17.76 43.53 23.73
CA VAL A 1387 -16.38 43.81 23.37
C VAL A 1387 -16.22 43.57 21.88
N VAL A 1388 -15.57 44.53 21.21
CA VAL A 1388 -15.41 44.54 19.76
C VAL A 1388 -13.95 44.26 19.42
N PHE A 1389 -13.74 43.42 18.41
CA PHE A 1389 -12.42 43.16 17.86
C PHE A 1389 -12.34 43.69 16.44
N ASN A 1390 -11.13 44.06 16.02
CA ASN A 1390 -10.87 44.49 14.66
C ASN A 1390 -9.41 44.25 14.33
N ASN A 1391 -9.12 44.12 13.03
CA ASN A 1391 -7.76 43.92 12.53
C ASN A 1391 -7.48 45.00 11.49
N PRO A 1392 -7.10 46.22 11.92
CA PRO A 1392 -6.87 47.30 10.94
C PRO A 1392 -5.75 46.98 9.97
N ASP A 1393 -4.58 46.65 10.51
CA ASP A 1393 -3.43 46.20 9.73
C ASP A 1393 -3.06 44.79 10.16
N ARG A 1394 -2.67 43.96 9.20
CA ARG A 1394 -2.52 42.52 9.41
C ARG A 1394 -1.23 42.23 10.18
N ASN A 1395 -1.22 42.70 11.43
CA ASN A 1395 -0.16 42.36 12.39
C ASN A 1395 -0.67 42.06 13.79
N GLY A 1396 -1.91 42.39 14.12
CA GLY A 1396 -2.42 42.13 15.45
C GLY A 1396 -3.77 42.79 15.70
N THR A 1397 -4.58 42.18 16.56
CA THR A 1397 -5.89 42.70 16.92
C THR A 1397 -5.83 43.40 18.27
N PHE A 1398 -6.81 44.25 18.52
CA PHE A 1398 -6.92 44.97 19.79
C PHE A 1398 -8.36 45.38 20.00
N VAL A 1399 -8.61 45.98 21.16
CA VAL A 1399 -9.97 46.36 21.55
C VAL A 1399 -10.22 47.79 21.08
N GLN A 1400 -11.20 47.94 20.19
CA GLN A 1400 -11.56 49.27 19.69
C GLN A 1400 -12.38 50.03 20.73
N SER A 1401 -13.36 49.36 21.34
CA SER A 1401 -14.25 49.96 22.31
C SER A 1401 -14.49 48.99 23.46
N HIS A 1402 -14.84 49.55 24.62
CA HIS A 1402 -14.94 48.80 25.87
C HIS A 1402 -16.29 49.11 26.52
N GLY A 1403 -17.20 48.13 26.52
CA GLY A 1403 -18.42 48.22 27.29
C GLY A 1403 -19.48 49.13 26.71
N THR A 1404 -19.91 48.85 25.49
CA THR A 1404 -21.02 49.61 24.92
C THR A 1404 -22.34 49.22 25.56
N HIS A 1405 -22.56 47.91 25.76
CA HIS A 1405 -23.74 47.32 26.40
C HIS A 1405 -25.06 47.94 25.95
N ASP A 1406 -25.14 48.34 24.68
CA ASP A 1406 -26.35 48.81 24.01
C ASP A 1406 -26.76 50.23 24.43
N GLU A 1407 -26.13 50.80 25.46
CA GLU A 1407 -26.34 52.21 25.76
C GLU A 1407 -25.48 53.11 24.88
N LEU A 1408 -24.28 52.64 24.54
CA LEU A 1408 -23.46 53.27 23.51
C LEU A 1408 -23.77 52.62 22.16
N LEU A 1409 -25.05 52.71 21.78
CA LEU A 1409 -25.45 52.18 20.49
C LEU A 1409 -25.06 53.13 19.37
N SER A 1410 -25.18 54.43 19.60
CA SER A 1410 -24.69 55.44 18.66
C SER A 1410 -24.32 56.68 19.48
N ALA A 1411 -23.04 56.78 19.83
CA ALA A 1411 -22.48 57.95 20.49
C ALA A 1411 -21.29 58.52 19.76
N GLN A 1412 -20.43 57.66 19.21
CA GLN A 1412 -19.32 58.07 18.35
C GLN A 1412 -19.26 57.13 17.16
N ASP A 1413 -18.34 57.37 16.23
CA ASP A 1413 -18.16 56.46 15.11
C ASP A 1413 -17.55 55.16 15.59
N GLY A 1414 -18.19 54.05 15.23
CA GLY A 1414 -17.72 52.75 15.68
C GLY A 1414 -18.32 51.65 14.84
N ILE A 1415 -17.83 50.43 15.10
CA ILE A 1415 -18.28 49.24 14.38
C ILE A 1415 -19.42 48.54 15.08
N TYR A 1416 -19.68 48.86 16.35
CA TYR A 1416 -20.83 48.27 17.05
C TYR A 1416 -22.13 48.61 16.34
N LYS A 1417 -22.33 49.87 15.99
CA LYS A 1417 -23.54 50.27 15.27
C LYS A 1417 -23.63 49.57 13.93
N LYS A 1418 -22.48 49.36 13.26
CA LYS A 1418 -22.48 48.61 12.02
C LYS A 1418 -22.98 47.19 12.23
N TYR A 1419 -22.32 46.43 13.10
CA TYR A 1419 -22.65 45.02 13.26
C TYR A 1419 -24.03 44.81 13.87
N VAL A 1420 -24.60 45.80 14.57
CA VAL A 1420 -25.99 45.67 15.04
C VAL A 1420 -27.00 46.11 14.00
N LYS A 1421 -26.59 46.94 13.02
CA LYS A 1421 -27.48 47.24 11.89
C LYS A 1421 -27.23 46.34 10.69
N LEU A 1422 -26.03 45.76 10.57
CA LEU A 1422 -25.78 44.73 9.56
C LEU A 1422 -26.32 43.36 9.95
N ALA A 1423 -26.75 43.19 11.20
CA ALA A 1423 -27.29 41.91 11.66
C ALA A 1423 -28.41 42.15 12.67
#